data_6Q0E
#
_entry.id   6Q0E
#
_cell.length_a   52.030
_cell.length_b   69.780
_cell.length_c   200.700
_cell.angle_alpha   90.000
_cell.angle_beta   90.000
_cell.angle_gamma   90.000
#
_symmetry.space_group_name_H-M   'P 21 21 21'
#
loop_
_entity.id
_entity.type
_entity.pdbx_description
1 polymer Hemagglutinin
2 polymer 'Fab lambda light chain'
3 polymer 'Fab heavy chain'
4 non-polymer GLYCEROL
5 non-polymer 'NONAETHYLENE GLYCOL'
6 non-polymer '2-(N-MORPHOLINO)-ETHANESULFONIC ACID'
7 water water
#
loop_
_entity_poly.entity_id
_entity_poly.type
_entity_poly.pdbx_seq_one_letter_code
_entity_poly.pdbx_strand_id
1 'polypeptide(L)'
;APLQLGNCSVAGWILGNPECESLISKESWSYIVETPNPENGTCYPGYFADYEELREQLSSVSSFERFEIFPKESSWPNHT
VTGVTASCSHNGKSSFYRNLLWLTEKNGLYPNLSNSYVNNKEKEVLVLWGVHHPSNIRDQRAIYHTENAYVSVVSSHYSR
RFTPEIAKRPKVRGQEGRINYYWTLLEPGDTIIFEANGNLIAPWYAFALSRGFGSGALEVLFQ
;
A
2 'polypeptide(L)'
;ASSSELTQDPAVSVALGQTVRITCQGDSLRSYYASWYQQKPGQAPVLVIYGKNNRPSGIPDRFSGSSSGNTASLTITGAQ
AEDEADYYCNSRDSSGNHPVVFGGGTKLTVLGQPKGAPSVTLFPPSSEELQANKATLVCLISDFYPGAVTVAWKADSSPV
KAGVETTTPSKQSNNKYAASSYLSLTPEQWKSHRSYSCQVTHEGSTVEKTVAPTECS
;
L
3 'polypeptide(L)'
;ASQVQLQESGPGLVKPSGTLSLTCAVSGGSISSSNWWSWVRQPPGKGLEWIGEIYHSGSTNYNPSLKSRVTISVDKSKNQ
FSLKLSSVTAADTAVYYCARAPPYCSSTSCPDDYYYYYMDVWGKGTTVTVSGASTKGPSVFPLAPSSKSTSGGTAALGCL
VKDYFPEPVTVSWNSGALTSGVHTFPAVLQSSGLYSLSSVVTVPSSSLGTQTYICNVNHKPSNTKVDKRVEPKSCDKHHH
HHH
;
H
#
loop_
_chem_comp.id
_chem_comp.type
_chem_comp.name
_chem_comp.formula
2PE non-polymer 'NONAETHYLENE GLYCOL' 'C18 H38 O10'
GOL non-polymer GLYCEROL 'C3 H8 O3'
MES non-polymer '2-(N-MORPHOLINO)-ETHANESULFONIC ACID' 'C6 H13 N O4 S'
#
# COMPACT_ATOMS: atom_id res chain seq x y z
N ALA A 1 13.68 4.33 -55.73
CA ALA A 1 14.41 4.66 -54.51
C ALA A 1 14.11 3.61 -53.43
N PRO A 2 15.15 3.11 -52.76
CA PRO A 2 14.96 1.99 -51.83
C PRO A 2 14.40 2.44 -50.48
N LEU A 3 13.96 1.44 -49.72
CA LEU A 3 13.47 1.65 -48.36
C LEU A 3 14.65 1.56 -47.40
N GLN A 4 14.86 2.64 -46.63
CA GLN A 4 15.99 2.73 -45.71
C GLN A 4 15.53 2.25 -44.34
N LEU A 5 16.03 1.09 -43.90
CA LEU A 5 15.69 0.54 -42.60
C LEU A 5 16.73 0.86 -41.54
N GLY A 6 17.79 1.58 -41.88
CA GLY A 6 18.77 1.99 -40.87
C GLY A 6 19.37 0.78 -40.18
N ASN A 7 19.30 0.78 -38.85
CA ASN A 7 19.86 -0.29 -38.05
C ASN A 7 18.84 -1.38 -37.71
N CYS A 8 17.68 -1.37 -38.36
CA CYS A 8 16.66 -2.37 -38.08
C CYS A 8 16.54 -3.35 -39.24
N SER A 9 16.18 -4.58 -38.90
CA SER A 9 15.86 -5.61 -39.88
C SER A 9 14.40 -5.46 -40.30
N VAL A 10 14.00 -6.27 -41.30
CA VAL A 10 12.60 -6.28 -41.71
C VAL A 10 11.71 -6.70 -40.54
N ALA A 11 12.15 -7.68 -39.75
CA ALA A 11 11.37 -8.13 -38.62
C ALA A 11 11.11 -6.99 -37.63
N GLY A 12 12.17 -6.27 -37.26
CA GLY A 12 12.01 -5.17 -36.32
C GLY A 12 11.14 -4.06 -36.88
N TRP A 13 11.26 -3.79 -38.18
CA TRP A 13 10.46 -2.74 -38.80
C TRP A 13 9.01 -3.15 -38.95
N ILE A 14 8.77 -4.36 -39.46
CA ILE A 14 7.40 -4.79 -39.74
C ILE A 14 6.66 -5.10 -38.45
N LEU A 15 7.35 -5.62 -37.43
CA LEU A 15 6.70 -5.87 -36.15
C LEU A 15 6.51 -4.60 -35.32
N GLY A 16 7.24 -3.54 -35.63
CA GLY A 16 7.11 -2.30 -34.89
C GLY A 16 8.02 -2.24 -33.67
N ASN A 17 9.23 -2.75 -33.80
CA ASN A 17 10.18 -2.71 -32.71
C ASN A 17 10.32 -1.29 -32.19
N PRO A 18 10.25 -1.07 -30.87
CA PRO A 18 10.30 0.32 -30.37
C PRO A 18 11.56 1.06 -30.74
N GLU A 19 12.62 0.36 -31.15
CA GLU A 19 13.85 1.01 -31.57
C GLU A 19 13.85 1.40 -33.05
N CYS A 20 12.74 1.17 -33.75
CA CYS A 20 12.62 1.52 -35.16
C CYS A 20 11.53 2.58 -35.38
N GLU A 21 11.28 3.42 -34.36
CA GLU A 21 10.20 4.40 -34.45
C GLU A 21 10.45 5.39 -35.59
N SER A 22 11.63 6.02 -35.60
CA SER A 22 11.89 7.09 -36.56
C SER A 22 11.93 6.60 -38.00
N LEU A 23 12.12 5.29 -38.20
CA LEU A 23 11.99 4.73 -39.55
C LEU A 23 10.64 5.10 -40.14
N ILE A 24 10.63 5.45 -41.42
CA ILE A 24 9.42 5.83 -42.13
C ILE A 24 9.26 4.92 -43.33
N SER A 25 8.09 4.29 -43.44
CA SER A 25 7.77 3.37 -44.53
C SER A 25 7.16 4.17 -45.67
N LYS A 26 7.98 4.52 -46.67
CA LYS A 26 7.48 5.36 -47.75
C LYS A 26 6.52 4.57 -48.64
N GLU A 27 5.79 5.30 -49.48
CA GLU A 27 4.66 4.73 -50.20
C GLU A 27 5.06 3.64 -51.18
N SER A 28 6.30 3.64 -51.66
CA SER A 28 6.73 2.62 -52.61
C SER A 28 8.25 2.58 -52.66
N TRP A 29 8.78 1.40 -52.98
CA TRP A 29 10.21 1.22 -53.10
C TRP A 29 10.51 0.08 -54.08
N SER A 30 11.75 0.03 -54.54
CA SER A 30 12.21 -1.00 -55.47
C SER A 30 12.97 -2.12 -54.79
N TYR A 31 13.65 -1.83 -53.68
CA TYR A 31 14.33 -2.84 -52.88
C TYR A 31 14.49 -2.28 -51.47
N ILE A 32 15.08 -3.08 -50.59
CA ILE A 32 15.23 -2.73 -49.19
C ILE A 32 16.69 -2.91 -48.79
N VAL A 33 17.31 -1.84 -48.32
CA VAL A 33 18.63 -1.92 -47.69
C VAL A 33 18.42 -2.18 -46.20
N GLU A 34 19.21 -3.10 -45.65
CA GLU A 34 18.93 -3.67 -44.35
C GLU A 34 20.21 -3.90 -43.57
N THR A 35 20.06 -4.07 -42.27
CA THR A 35 21.16 -4.39 -41.37
C THR A 35 20.68 -5.43 -40.37
N PRO A 36 20.60 -6.71 -40.79
CA PRO A 36 20.10 -7.79 -39.92
C PRO A 36 20.89 -7.92 -38.62
N GLY A 41 15.24 -6.07 -34.91
CA GLY A 41 14.99 -7.49 -34.70
C GLY A 41 13.74 -7.75 -33.89
N THR A 42 13.66 -8.95 -33.31
CA THR A 42 12.54 -9.33 -32.47
C THR A 42 13.01 -9.24 -31.01
N CYS A 43 12.66 -8.15 -30.34
CA CYS A 43 13.14 -7.95 -28.97
C CYS A 43 12.63 -9.04 -28.04
N TYR A 44 11.40 -9.52 -28.25
CA TYR A 44 10.91 -10.68 -27.52
C TYR A 44 11.30 -11.94 -28.28
N PRO A 45 12.08 -12.85 -27.69
CA PRO A 45 12.57 -14.00 -28.46
C PRO A 45 11.43 -14.87 -28.97
N GLY A 46 11.68 -15.52 -30.10
CA GLY A 46 10.70 -16.40 -30.70
C GLY A 46 11.01 -16.63 -32.17
N TYR A 47 10.10 -17.34 -32.82
CA TYR A 47 10.26 -17.80 -34.19
C TYR A 47 9.37 -16.97 -35.12
N PHE A 48 9.97 -16.34 -36.12
CA PHE A 48 9.23 -15.59 -37.14
C PHE A 48 9.00 -16.52 -38.32
N ALA A 49 7.76 -16.97 -38.50
CA ALA A 49 7.46 -17.95 -39.52
C ALA A 49 7.47 -17.33 -40.91
N ASP A 50 8.01 -18.08 -41.87
CA ASP A 50 8.09 -17.63 -43.27
C ASP A 50 8.73 -16.24 -43.35
N TYR A 51 9.77 -16.03 -42.57
CA TYR A 51 10.42 -14.72 -42.54
C TYR A 51 11.05 -14.39 -43.89
N GLU A 52 11.77 -15.35 -44.47
CA GLU A 52 12.39 -15.11 -45.78
C GLU A 52 11.33 -14.89 -46.85
N GLU A 53 10.21 -15.62 -46.78
CA GLU A 53 9.12 -15.38 -47.72
C GLU A 53 8.63 -13.94 -47.63
N LEU A 54 8.45 -13.44 -46.40
CA LEU A 54 7.98 -12.06 -46.22
C LEU A 54 8.97 -11.07 -46.82
N ARG A 55 10.27 -11.25 -46.52
CA ARG A 55 11.28 -10.38 -47.10
C ARG A 55 11.19 -10.35 -48.62
N GLU A 56 10.88 -11.51 -49.22
CA GLU A 56 10.72 -11.56 -50.68
C GLU A 56 9.48 -10.81 -51.13
N GLN A 57 8.36 -10.97 -50.41
CA GLN A 57 7.11 -10.32 -50.82
C GLN A 57 7.18 -8.81 -50.62
N LEU A 58 7.90 -8.35 -49.60
CA LEU A 58 8.07 -6.93 -49.36
C LEU A 58 9.26 -6.34 -50.14
N SER A 59 9.89 -7.13 -51.00
CA SER A 59 11.09 -6.67 -51.69
C SER A 59 10.83 -5.40 -52.51
N SER A 60 9.70 -5.36 -53.22
CA SER A 60 9.34 -4.19 -54.00
C SER A 60 7.82 -4.03 -53.95
N VAL A 61 7.37 -2.83 -53.56
CA VAL A 61 5.95 -2.57 -53.38
C VAL A 61 5.59 -1.22 -53.98
N SER A 62 4.30 -1.04 -54.23
CA SER A 62 3.72 0.26 -54.49
C SER A 62 2.45 0.38 -53.63
N SER A 63 2.07 1.63 -53.36
CA SER A 63 0.86 1.90 -52.58
C SER A 63 0.92 1.24 -51.21
N PHE A 64 2.07 1.39 -50.55
CA PHE A 64 2.25 0.85 -49.21
C PHE A 64 1.68 1.81 -48.17
N GLU A 65 1.23 1.25 -47.05
CA GLU A 65 0.51 2.04 -46.05
C GLU A 65 0.43 1.25 -44.76
N ARG A 66 0.62 1.94 -43.64
CA ARG A 66 0.44 1.38 -42.30
C ARG A 66 -0.85 1.94 -41.74
N PHE A 67 -1.78 1.05 -41.35
CA PHE A 67 -3.08 1.48 -40.87
C PHE A 67 -3.44 0.73 -39.60
N GLU A 68 -4.45 1.26 -38.90
CA GLU A 68 -4.84 0.79 -37.57
C GLU A 68 -5.93 -0.26 -37.73
N ILE A 69 -5.54 -1.53 -37.68
CA ILE A 69 -6.49 -2.60 -38.00
C ILE A 69 -7.44 -2.86 -36.83
N PHE A 70 -6.93 -2.83 -35.61
CA PHE A 70 -7.76 -3.03 -34.41
C PHE A 70 -7.40 -1.95 -33.39
N PRO A 71 -8.13 -0.85 -33.35
CA PRO A 71 -7.79 0.23 -32.42
C PRO A 71 -7.66 -0.25 -30.99
N LYS A 72 -6.63 0.26 -30.30
CA LYS A 72 -6.26 -0.28 -29.00
C LYS A 72 -7.34 -0.06 -27.95
N GLU A 73 -7.96 1.12 -27.95
CA GLU A 73 -8.90 1.50 -26.90
C GLU A 73 -10.35 1.23 -27.25
N SER A 74 -10.61 0.46 -28.30
CA SER A 74 -11.98 0.08 -28.61
C SER A 74 -12.11 -1.40 -28.88
N SER A 75 -11.15 -2.01 -29.58
CA SER A 75 -11.34 -3.36 -30.12
C SER A 75 -11.34 -4.44 -29.04
N TRP A 76 -10.79 -4.18 -27.87
CA TRP A 76 -10.62 -5.20 -26.83
C TRP A 76 -11.09 -4.63 -25.50
N PRO A 77 -12.39 -4.40 -25.34
CA PRO A 77 -12.88 -3.82 -24.08
C PRO A 77 -12.72 -4.74 -22.88
N ASN A 78 -12.95 -6.04 -23.04
CA ASN A 78 -12.95 -6.99 -21.94
C ASN A 78 -11.59 -7.61 -21.68
N HIS A 79 -10.52 -7.05 -22.25
CA HIS A 79 -9.17 -7.57 -22.04
C HIS A 79 -8.24 -6.42 -21.73
N THR A 80 -7.12 -6.75 -21.09
CA THR A 80 -6.08 -5.77 -20.78
C THR A 80 -5.12 -5.69 -21.96
N VAL A 81 -4.81 -4.46 -22.39
CA VAL A 81 -4.01 -4.23 -23.58
C VAL A 81 -2.70 -3.52 -23.28
N THR A 82 -2.42 -3.19 -22.03
CA THR A 82 -1.28 -2.34 -21.68
C THR A 82 0.00 -3.12 -21.43
N GLY A 83 0.01 -4.42 -21.69
CA GLY A 83 1.17 -5.24 -21.43
C GLY A 83 2.44 -4.70 -22.05
N VAL A 84 3.48 -4.53 -21.23
CA VAL A 84 4.80 -4.11 -21.68
C VAL A 84 5.83 -5.06 -21.05
N THR A 85 7.05 -4.98 -21.55
CA THR A 85 8.12 -5.87 -21.09
C THR A 85 9.46 -5.17 -21.27
N ALA A 86 10.41 -5.55 -20.41
CA ALA A 86 11.75 -4.97 -20.48
C ALA A 86 12.57 -5.56 -21.63
N SER A 87 12.14 -6.70 -22.18
CA SER A 87 12.81 -7.25 -23.36
C SER A 87 12.68 -6.31 -24.54
N CYS A 88 11.57 -5.58 -24.65
CA CYS A 88 11.40 -4.57 -25.69
C CYS A 88 11.45 -3.17 -25.06
N SER A 89 12.57 -2.81 -24.43
CA SER A 89 12.69 -1.53 -23.75
C SER A 89 12.92 -0.39 -24.74
N HIS A 90 12.45 0.80 -24.38
CA HIS A 90 12.66 2.01 -25.16
C HIS A 90 12.90 3.16 -24.20
N ASN A 91 14.04 3.85 -24.36
CA ASN A 91 14.41 4.96 -23.48
C ASN A 91 14.51 4.50 -22.03
N GLY A 92 15.14 3.35 -21.82
CA GLY A 92 15.26 2.78 -20.49
C GLY A 92 13.91 2.63 -19.82
N LYS A 93 12.96 2.04 -20.52
CA LYS A 93 11.59 1.93 -20.04
C LYS A 93 10.90 0.80 -20.79
N SER A 94 10.23 -0.08 -20.05
CA SER A 94 9.60 -1.24 -20.66
C SER A 94 8.50 -0.81 -21.63
N SER A 95 8.44 -1.48 -22.78
CA SER A 95 7.48 -1.15 -23.82
C SER A 95 7.13 -2.43 -24.56
N PHE A 96 6.56 -2.30 -25.76
CA PHE A 96 6.16 -3.45 -26.56
C PHE A 96 6.11 -3.02 -28.01
N TYR A 97 5.91 -3.99 -28.89
CA TYR A 97 5.84 -3.69 -30.33
C TYR A 97 4.78 -2.64 -30.61
N ARG A 98 5.08 -1.75 -31.55
CA ARG A 98 4.16 -0.70 -31.92
C ARG A 98 3.04 -1.18 -32.84
N ASN A 99 3.15 -2.39 -33.37
CA ASN A 99 2.13 -2.93 -34.27
C ASN A 99 1.38 -4.11 -33.68
N LEU A 100 1.65 -4.44 -32.41
CA LEU A 100 1.00 -5.58 -31.77
C LEU A 100 0.54 -5.20 -30.37
N LEU A 101 -0.34 -6.03 -29.81
CA LEU A 101 -0.89 -5.81 -28.48
C LEU A 101 -0.85 -7.11 -27.70
N TRP A 102 -0.25 -7.07 -26.50
CA TRP A 102 -0.21 -8.22 -25.61
C TRP A 102 -1.50 -8.21 -24.79
N LEU A 103 -2.47 -9.02 -25.20
CA LEU A 103 -3.73 -9.12 -24.48
C LEU A 103 -3.57 -10.05 -23.27
N THR A 104 -4.00 -9.58 -22.11
CA THR A 104 -3.93 -10.36 -20.87
C THR A 104 -5.27 -10.27 -20.15
N GLU A 105 -5.37 -10.94 -19.01
CA GLU A 105 -6.61 -10.96 -18.25
C GLU A 105 -6.99 -9.56 -17.79
N LYS A 106 -8.30 -9.34 -17.67
CA LYS A 106 -8.86 -8.14 -17.07
C LYS A 106 -9.83 -8.56 -15.97
N ASN A 107 -9.63 -8.04 -14.76
CA ASN A 107 -10.54 -8.32 -13.65
C ASN A 107 -10.63 -9.82 -13.35
N GLY A 108 -9.52 -10.53 -13.50
CA GLY A 108 -9.47 -11.94 -13.17
C GLY A 108 -10.16 -12.85 -14.15
N LEU A 109 -10.49 -12.37 -15.35
CA LEU A 109 -11.09 -13.20 -16.38
C LEU A 109 -10.46 -12.87 -17.72
N TYR A 110 -10.43 -13.89 -18.60
CA TYR A 110 -10.01 -13.73 -19.99
C TYR A 110 -11.14 -14.28 -20.85
N PRO A 111 -12.19 -13.49 -21.08
CA PRO A 111 -13.34 -14.00 -21.82
C PRO A 111 -12.95 -14.44 -23.23
N ASN A 112 -13.73 -15.39 -23.76
CA ASN A 112 -13.45 -15.92 -25.09
C ASN A 112 -13.38 -14.78 -26.10
N LEU A 113 -12.28 -14.73 -26.84
CA LEU A 113 -11.99 -13.61 -27.74
C LEU A 113 -12.44 -13.95 -29.16
N SER A 114 -13.05 -12.96 -29.81
CA SER A 114 -13.51 -13.11 -31.19
C SER A 114 -13.56 -11.73 -31.83
N ASN A 115 -12.76 -11.53 -32.87
CA ASN A 115 -12.73 -10.26 -33.58
C ASN A 115 -12.40 -10.54 -35.05
N SER A 116 -12.97 -9.73 -35.93
CA SER A 116 -12.81 -9.92 -37.37
C SER A 116 -12.62 -8.58 -38.04
N TYR A 117 -11.98 -8.62 -39.21
CA TYR A 117 -11.71 -7.42 -40.00
C TYR A 117 -11.95 -7.74 -41.47
N VAL A 118 -12.64 -6.84 -42.15
CA VAL A 118 -12.93 -6.95 -43.58
C VAL A 118 -12.01 -6.02 -44.33
N ASN A 119 -11.39 -6.53 -45.40
CA ASN A 119 -10.43 -5.75 -46.19
C ASN A 119 -11.20 -4.87 -47.17
N ASN A 120 -11.33 -3.59 -46.83
CA ASN A 120 -11.97 -2.61 -47.71
C ASN A 120 -10.98 -1.63 -48.31
N LYS A 121 -9.68 -1.93 -48.22
CA LYS A 121 -8.64 -1.04 -48.74
C LYS A 121 -8.47 -1.15 -50.25
N GLU A 122 -9.18 -2.06 -50.91
CA GLU A 122 -9.05 -2.29 -52.35
C GLU A 122 -7.63 -2.68 -52.73
N LYS A 123 -6.85 -3.13 -51.75
CA LYS A 123 -5.50 -3.62 -51.96
C LYS A 123 -5.30 -4.83 -51.06
N GLU A 124 -4.16 -5.50 -51.22
CA GLU A 124 -3.83 -6.59 -50.31
C GLU A 124 -3.45 -6.03 -48.95
N VAL A 125 -3.92 -6.70 -47.90
CA VAL A 125 -3.63 -6.31 -46.52
C VAL A 125 -2.73 -7.37 -45.91
N LEU A 126 -1.60 -6.94 -45.36
CA LEU A 126 -0.70 -7.81 -44.62
C LEU A 126 -1.04 -7.71 -43.13
N VAL A 127 -1.47 -8.82 -42.54
CA VAL A 127 -1.81 -8.89 -41.12
C VAL A 127 -0.76 -9.74 -40.43
N LEU A 128 -0.26 -9.26 -39.29
CA LEU A 128 0.68 -10.00 -38.48
C LEU A 128 0.15 -10.12 -37.06
N TRP A 129 0.51 -11.23 -36.42
CA TRP A 129 0.09 -11.51 -35.05
C TRP A 129 1.12 -12.43 -34.42
N GLY A 130 0.95 -12.71 -33.13
CA GLY A 130 1.85 -13.57 -32.42
C GLY A 130 1.10 -14.56 -31.54
N VAL A 131 1.83 -15.58 -31.10
CA VAL A 131 1.34 -16.55 -30.14
C VAL A 131 2.38 -16.66 -29.03
N HIS A 132 1.97 -16.39 -27.80
CA HIS A 132 2.87 -16.32 -26.66
C HIS A 132 2.90 -17.65 -25.92
N HIS A 133 4.10 -18.03 -25.47
CA HIS A 133 4.32 -19.33 -24.83
C HIS A 133 4.99 -19.14 -23.48
N PRO A 134 4.24 -19.16 -22.39
CA PRO A 134 4.86 -19.11 -21.05
C PRO A 134 5.71 -20.34 -20.80
N SER A 135 6.48 -20.29 -19.72
CA SER A 135 7.39 -21.38 -19.38
C SER A 135 6.88 -22.29 -18.27
N ASN A 136 5.84 -21.88 -17.53
CA ASN A 136 5.22 -22.75 -16.55
C ASN A 136 3.72 -22.53 -16.56
N ILE A 137 2.99 -23.53 -16.04
CA ILE A 137 1.53 -23.52 -16.14
C ILE A 137 0.91 -22.53 -15.17
N ARG A 138 1.59 -22.23 -14.06
CA ARG A 138 1.07 -21.23 -13.12
C ARG A 138 0.96 -19.86 -13.80
N ASP A 139 1.99 -19.46 -14.53
CA ASP A 139 1.97 -18.16 -15.19
C ASP A 139 0.94 -18.13 -16.31
N GLN A 140 0.76 -19.25 -17.01
CA GLN A 140 -0.31 -19.35 -18.01
C GLN A 140 -1.66 -19.01 -17.38
N ARG A 141 -1.93 -19.56 -16.19
CA ARG A 141 -3.16 -19.24 -15.49
C ARG A 141 -3.20 -17.76 -15.09
N ALA A 142 -2.08 -17.23 -14.60
CA ALA A 142 -2.07 -15.85 -14.13
C ALA A 142 -2.37 -14.88 -15.26
N ILE A 143 -1.83 -15.14 -16.45
CA ILE A 143 -1.93 -14.19 -17.56
C ILE A 143 -3.21 -14.41 -18.36
N TYR A 144 -3.59 -15.67 -18.60
CA TYR A 144 -4.73 -15.99 -19.45
C TYR A 144 -5.79 -16.83 -18.77
N HIS A 145 -5.45 -17.53 -17.67
CA HIS A 145 -6.38 -18.21 -16.79
C HIS A 145 -6.88 -19.55 -17.30
N THR A 146 -6.97 -19.74 -18.62
CA THR A 146 -7.30 -21.06 -19.13
C THR A 146 -6.02 -21.89 -19.25
N GLU A 147 -6.11 -23.17 -18.88
CA GLU A 147 -4.94 -24.02 -18.90
C GLU A 147 -4.66 -24.55 -20.30
N ASN A 148 -5.71 -24.89 -21.05
CA ASN A 148 -5.58 -25.44 -22.40
C ASN A 148 -6.12 -24.42 -23.39
N ALA A 149 -5.32 -23.38 -23.62
CA ALA A 149 -5.75 -22.27 -24.48
C ALA A 149 -5.59 -22.64 -25.96
N TYR A 150 -6.24 -21.83 -26.79
CA TYR A 150 -6.15 -21.98 -28.24
C TYR A 150 -6.13 -20.60 -28.87
N VAL A 151 -5.54 -20.51 -30.05
CA VAL A 151 -5.61 -19.33 -30.89
C VAL A 151 -5.99 -19.78 -32.29
N SER A 152 -6.97 -19.10 -32.89
CA SER A 152 -7.50 -19.47 -34.20
C SER A 152 -7.53 -18.24 -35.08
N VAL A 153 -6.91 -18.35 -36.26
CA VAL A 153 -6.91 -17.29 -37.26
C VAL A 153 -7.39 -17.90 -38.56
N VAL A 154 -8.46 -17.34 -39.13
CA VAL A 154 -9.11 -17.92 -40.30
C VAL A 154 -9.48 -16.82 -41.28
N SER A 155 -9.19 -17.09 -42.56
CA SER A 155 -9.68 -16.27 -43.66
C SER A 155 -10.13 -17.21 -44.78
N SER A 156 -10.53 -16.63 -45.91
CA SER A 156 -10.91 -17.45 -47.05
C SER A 156 -9.74 -18.24 -47.63
N HIS A 157 -8.51 -17.78 -47.38
CA HIS A 157 -7.32 -18.45 -47.92
C HIS A 157 -6.32 -18.85 -46.85
N TYR A 158 -6.64 -18.67 -45.57
CA TYR A 158 -5.75 -19.03 -44.48
C TYR A 158 -6.58 -19.58 -43.33
N SER A 159 -6.06 -20.62 -42.68
CA SER A 159 -6.74 -21.25 -41.55
C SER A 159 -5.72 -22.00 -40.72
N ARG A 160 -5.53 -21.62 -39.47
CA ARG A 160 -4.58 -22.30 -38.60
C ARG A 160 -5.00 -22.13 -37.15
N ARG A 161 -4.79 -23.19 -36.37
CA ARG A 161 -5.14 -23.23 -34.96
C ARG A 161 -3.86 -23.47 -34.17
N PHE A 162 -3.53 -22.55 -33.28
CA PHE A 162 -2.28 -22.60 -32.54
C PHE A 162 -2.54 -23.09 -31.12
N THR A 163 -1.78 -24.10 -30.70
CA THR A 163 -1.82 -24.60 -29.33
C THR A 163 -0.54 -24.22 -28.63
N PRO A 164 -0.57 -23.37 -27.59
CA PRO A 164 0.68 -23.06 -26.87
C PRO A 164 1.13 -24.26 -26.04
N GLU A 165 2.44 -24.47 -26.02
CA GLU A 165 3.03 -25.51 -25.19
C GLU A 165 3.79 -24.84 -24.04
N ILE A 166 3.67 -25.43 -22.85
CA ILE A 166 4.22 -24.88 -21.63
C ILE A 166 5.47 -25.69 -21.29
N ALA A 167 6.65 -25.09 -21.52
CA ALA A 167 7.90 -25.79 -21.32
C ALA A 167 8.94 -24.83 -20.74
N LYS A 168 9.82 -25.38 -19.91
CA LYS A 168 10.95 -24.64 -19.36
C LYS A 168 12.02 -24.50 -20.43
N ARG A 169 12.46 -23.28 -20.66
CA ARG A 169 13.37 -22.95 -21.75
C ARG A 169 14.53 -22.12 -21.25
N PRO A 170 15.66 -22.15 -21.94
CA PRO A 170 16.78 -21.27 -21.57
C PRO A 170 16.42 -19.81 -21.79
N LYS A 171 17.09 -18.94 -21.04
CA LYS A 171 16.85 -17.51 -21.12
C LYS A 171 17.46 -16.95 -22.39
N VAL A 172 16.69 -16.15 -23.12
CA VAL A 172 17.15 -15.40 -24.28
C VAL A 172 16.83 -13.93 -24.02
N ARG A 173 17.86 -13.09 -23.99
CA ARG A 173 17.69 -11.69 -23.61
C ARG A 173 16.99 -11.59 -22.26
N GLY A 174 17.35 -12.51 -21.35
CA GLY A 174 16.75 -12.56 -20.04
C GLY A 174 15.34 -13.09 -19.99
N GLN A 175 14.84 -13.65 -21.08
CA GLN A 175 13.45 -14.09 -21.18
C GLN A 175 13.37 -15.60 -21.30
N GLU A 176 12.54 -16.22 -20.47
CA GLU A 176 12.25 -17.64 -20.59
C GLU A 176 11.03 -17.92 -21.46
N GLY A 177 10.17 -16.93 -21.67
CA GLY A 177 9.03 -17.09 -22.55
C GLY A 177 9.39 -16.87 -24.00
N ARG A 178 8.41 -17.14 -24.87
CA ARG A 178 8.61 -17.02 -26.30
C ARG A 178 7.34 -16.46 -26.94
N ILE A 179 7.51 -15.74 -28.04
CA ILE A 179 6.41 -15.29 -28.88
C ILE A 179 6.75 -15.66 -30.33
N ASN A 180 5.97 -16.57 -30.91
CA ASN A 180 6.12 -16.90 -32.33
C ASN A 180 5.26 -15.97 -33.16
N TYR A 181 5.84 -15.48 -34.26
CA TYR A 181 5.20 -14.48 -35.09
C TYR A 181 4.76 -15.10 -36.42
N TYR A 182 3.54 -14.75 -36.84
CA TYR A 182 2.95 -15.29 -38.05
C TYR A 182 2.31 -14.17 -38.83
N TRP A 183 2.03 -14.44 -40.11
CA TRP A 183 1.46 -13.43 -40.99
C TRP A 183 0.73 -14.11 -42.13
N THR A 184 -0.13 -13.33 -42.79
CA THR A 184 -0.83 -13.78 -43.97
C THR A 184 -1.26 -12.55 -44.76
N LEU A 185 -1.51 -12.76 -46.05
CA LEU A 185 -2.00 -11.71 -46.93
C LEU A 185 -3.51 -11.87 -47.11
N LEU A 186 -4.22 -10.75 -46.96
CA LEU A 186 -5.68 -10.73 -47.04
C LEU A 186 -6.08 -10.06 -48.36
N GLU A 187 -6.86 -10.76 -49.18
CA GLU A 187 -7.26 -10.21 -50.46
C GLU A 187 -8.39 -9.21 -50.28
N PRO A 188 -8.53 -8.27 -51.22
CA PRO A 188 -9.62 -7.28 -51.10
C PRO A 188 -10.98 -7.95 -50.97
N GLY A 189 -11.77 -7.45 -50.02
CA GLY A 189 -13.08 -7.99 -49.76
C GLY A 189 -13.12 -9.19 -48.84
N ASP A 190 -11.98 -9.80 -48.56
CA ASP A 190 -11.95 -10.98 -47.71
C ASP A 190 -11.95 -10.57 -46.24
N THR A 191 -12.37 -11.50 -45.39
CA THR A 191 -12.47 -11.28 -43.95
C THR A 191 -11.51 -12.23 -43.23
N ILE A 192 -10.83 -11.70 -42.22
CA ILE A 192 -9.99 -12.48 -41.33
C ILE A 192 -10.60 -12.43 -39.94
N ILE A 193 -10.58 -13.56 -39.23
CA ILE A 193 -11.26 -13.71 -37.95
C ILE A 193 -10.26 -14.25 -36.94
N PHE A 194 -10.09 -13.53 -35.83
CA PHE A 194 -9.23 -13.96 -34.74
C PHE A 194 -10.09 -14.48 -33.60
N GLU A 195 -9.78 -15.68 -33.12
CA GLU A 195 -10.46 -16.26 -31.97
C GLU A 195 -9.44 -16.86 -31.04
N ALA A 196 -9.66 -16.68 -29.74
CA ALA A 196 -8.73 -17.20 -28.74
C ALA A 196 -9.38 -17.11 -27.37
N ASN A 197 -8.91 -17.97 -26.47
CA ASN A 197 -9.15 -17.81 -25.04
C ASN A 197 -7.84 -17.57 -24.29
N GLY A 198 -6.82 -17.09 -24.97
CA GLY A 198 -5.54 -16.78 -24.36
C GLY A 198 -4.41 -16.89 -25.35
N ASN A 199 -3.27 -16.31 -24.97
CA ASN A 199 -2.00 -16.45 -25.66
C ASN A 199 -1.95 -15.73 -27.01
N LEU A 200 -2.90 -14.86 -27.30
CA LEU A 200 -2.92 -14.13 -28.56
C LEU A 200 -2.19 -12.80 -28.40
N ILE A 201 -1.16 -12.60 -29.22
CA ILE A 201 -0.52 -11.29 -29.38
C ILE A 201 -1.23 -10.64 -30.56
N ALA A 202 -2.19 -9.76 -30.27
CA ALA A 202 -3.16 -9.34 -31.27
C ALA A 202 -2.58 -8.30 -32.23
N PRO A 203 -3.06 -8.29 -33.48
CA PRO A 203 -2.67 -7.21 -34.40
C PRO A 203 -3.23 -5.87 -33.94
N TRP A 204 -2.36 -4.87 -33.91
CA TRP A 204 -2.67 -3.50 -33.52
C TRP A 204 -2.65 -2.60 -34.76
N TYR A 205 -1.55 -2.57 -35.47
CA TYR A 205 -1.48 -1.97 -36.79
C TYR A 205 -1.22 -3.04 -37.83
N ALA A 206 -1.74 -2.81 -39.04
CA ALA A 206 -1.54 -3.71 -40.16
C ALA A 206 -1.05 -2.89 -41.35
N PHE A 207 -0.90 -3.56 -42.50
CA PHE A 207 -0.36 -2.91 -43.68
C PHE A 207 -1.17 -3.28 -44.91
N ALA A 208 -1.43 -2.28 -45.75
CA ALA A 208 -2.07 -2.48 -47.05
C ALA A 208 -1.08 -2.12 -48.14
N LEU A 209 -1.03 -2.93 -49.20
CA LEU A 209 -0.02 -2.75 -50.20
C LEU A 209 -0.43 -3.40 -51.51
N SER A 210 0.19 -2.93 -52.59
CA SER A 210 0.12 -3.56 -53.91
C SER A 210 1.51 -4.10 -54.22
N ARG A 211 1.60 -5.40 -54.49
CA ARG A 211 2.89 -6.05 -54.66
C ARG A 211 3.46 -5.74 -56.04
N GLY A 212 4.79 -5.83 -56.13
CA GLY A 212 5.49 -5.54 -57.37
C GLY A 212 6.08 -4.15 -57.38
N SER B 4 15.18 -14.02 0.26
CA SER B 4 15.94 -13.97 1.50
C SER B 4 15.31 -12.95 2.46
N GLU B 5 16.00 -11.82 2.66
CA GLU B 5 15.49 -10.75 3.50
C GLU B 5 15.75 -9.41 2.83
N LEU B 6 15.05 -8.39 3.30
CA LEU B 6 15.24 -7.02 2.85
C LEU B 6 15.86 -6.22 4.00
N THR B 7 17.00 -5.59 3.72
CA THR B 7 17.75 -4.86 4.73
C THR B 7 17.80 -3.38 4.37
N GLN B 8 17.47 -2.53 5.34
CA GLN B 8 17.51 -1.09 5.16
C GLN B 8 17.99 -0.44 6.46
N ASP B 9 18.60 0.73 6.34
CA ASP B 9 19.08 1.44 7.51
C ASP B 9 17.91 1.77 8.43
N PRO B 10 18.02 1.48 9.73
CA PRO B 10 16.86 1.71 10.61
C PRO B 10 16.58 3.17 10.90
N ALA B 11 17.51 4.08 10.64
CA ALA B 11 17.28 5.48 10.93
C ALA B 11 18.17 6.34 10.06
N VAL B 12 17.63 7.49 9.63
CA VAL B 12 18.40 8.47 8.88
C VAL B 12 17.73 9.82 9.07
N SER B 13 18.50 10.89 8.94
CA SER B 13 18.01 12.24 9.12
C SER B 13 18.17 13.05 7.85
N VAL B 14 17.30 14.03 7.68
CA VAL B 14 17.36 14.93 6.52
C VAL B 14 16.91 16.32 6.97
N ALA B 15 17.62 17.34 6.50
CA ALA B 15 17.27 18.70 6.82
C ALA B 15 16.03 19.14 6.04
N LEU B 16 15.25 20.02 6.66
CA LEU B 16 14.06 20.57 6.02
C LEU B 16 14.40 21.14 4.65
N GLY B 17 13.77 20.59 3.62
CA GLY B 17 13.97 21.06 2.26
C GLY B 17 15.08 20.38 1.49
N GLN B 18 15.86 19.52 2.13
CA GLN B 18 16.95 18.84 1.45
C GLN B 18 16.44 17.53 0.86
N THR B 19 17.34 16.71 0.31
CA THR B 19 16.99 15.47 -0.34
C THR B 19 17.67 14.31 0.37
N VAL B 20 16.93 13.21 0.53
CA VAL B 20 17.43 12.02 1.21
C VAL B 20 17.08 10.81 0.35
N ARG B 21 17.97 9.82 0.34
CA ARG B 21 17.75 8.58 -0.39
C ARG B 21 17.81 7.42 0.58
N ILE B 22 16.69 6.72 0.73
CA ILE B 22 16.59 5.55 1.60
C ILE B 22 16.78 4.31 0.75
N THR B 23 17.67 3.42 1.18
CA THR B 23 18.08 2.28 0.39
C THR B 23 17.53 0.98 0.97
N CYS B 24 17.14 0.08 0.08
CA CYS B 24 16.62 -1.24 0.43
C CYS B 24 17.35 -2.27 -0.44
N GLN B 25 17.92 -3.29 0.20
CA GLN B 25 18.73 -4.26 -0.51
C GLN B 25 18.29 -5.68 -0.16
N GLY B 26 18.37 -6.55 -1.16
CA GLY B 26 17.99 -7.94 -0.99
C GLY B 26 17.97 -8.67 -2.32
N ASP B 27 18.48 -9.91 -2.34
CA ASP B 27 18.52 -10.66 -3.58
C ASP B 27 17.14 -10.84 -4.20
N SER B 28 16.07 -10.77 -3.40
CA SER B 28 14.73 -10.88 -3.94
C SER B 28 14.43 -9.75 -4.93
N LEU B 29 15.11 -8.62 -4.79
CA LEU B 29 14.89 -7.47 -5.67
C LEU B 29 15.44 -7.69 -7.08
N ARG B 30 16.13 -8.81 -7.33
CA ARG B 30 16.65 -9.08 -8.67
C ARG B 30 15.56 -9.56 -9.62
N SER B 31 14.43 -10.02 -9.11
CA SER B 31 13.36 -10.54 -9.95
C SER B 31 11.98 -9.95 -9.63
N TYR B 32 11.88 -9.08 -8.63
CA TYR B 32 10.61 -8.44 -8.30
C TYR B 32 10.86 -6.99 -7.94
N TYR B 33 9.87 -6.15 -8.24
CA TYR B 33 9.96 -4.73 -7.95
C TYR B 33 9.68 -4.46 -6.48
N ALA B 34 10.33 -3.44 -5.94
CA ALA B 34 10.23 -3.10 -4.53
C ALA B 34 9.21 -1.97 -4.34
N SER B 35 8.24 -2.20 -3.46
CA SER B 35 7.27 -1.19 -3.08
C SER B 35 7.72 -0.50 -1.79
N TRP B 36 7.17 0.69 -1.55
CA TRP B 36 7.52 1.50 -0.39
C TRP B 36 6.26 1.98 0.31
N TYR B 37 6.31 2.01 1.63
CA TYR B 37 5.21 2.48 2.45
C TYR B 37 5.69 3.58 3.39
N GLN B 38 4.77 4.47 3.77
CA GLN B 38 5.00 5.46 4.81
C GLN B 38 4.02 5.21 5.94
N GLN B 39 4.52 5.19 7.17
CA GLN B 39 3.69 4.91 8.34
C GLN B 39 3.98 5.91 9.44
N LYS B 40 2.92 6.47 10.01
CA LYS B 40 3.02 7.35 11.16
C LYS B 40 2.40 6.68 12.38
N PRO B 41 2.84 7.04 13.59
CA PRO B 41 2.36 6.32 14.78
C PRO B 41 0.84 6.29 14.86
N GLY B 42 0.30 5.13 15.22
CA GLY B 42 -1.12 4.98 15.38
C GLY B 42 -1.92 4.89 14.09
N GLN B 43 -1.25 4.73 12.96
CA GLN B 43 -1.91 4.69 11.67
C GLN B 43 -1.43 3.47 10.88
N ALA B 44 -2.25 3.06 9.90
CA ALA B 44 -1.88 1.97 9.02
C ALA B 44 -0.85 2.45 8.00
N PRO B 45 -0.05 1.53 7.46
CA PRO B 45 0.89 1.91 6.40
C PRO B 45 0.16 2.49 5.20
N VAL B 46 0.84 3.39 4.50
CA VAL B 46 0.30 4.04 3.31
C VAL B 46 1.26 3.81 2.17
N LEU B 47 0.79 3.12 1.12
CA LEU B 47 1.63 2.82 -0.02
C LEU B 47 1.97 4.10 -0.77
N VAL B 48 3.27 4.31 -1.02
CA VAL B 48 3.74 5.47 -1.75
C VAL B 48 4.39 5.13 -3.08
N ILE B 49 4.86 3.90 -3.28
CA ILE B 49 5.43 3.46 -4.54
C ILE B 49 4.93 2.04 -4.82
N TYR B 50 4.17 1.87 -5.91
CA TYR B 50 3.79 0.52 -6.34
C TYR B 50 5.03 -0.32 -6.63
N GLY B 51 5.99 0.24 -7.31
CA GLY B 51 7.19 -0.43 -7.81
C GLY B 51 7.81 0.42 -8.88
N LYS B 52 9.13 0.19 -9.06
CA LYS B 52 9.89 1.09 -9.93
C LYS B 52 9.70 2.53 -9.49
N ASN B 53 8.98 3.33 -10.29
CA ASN B 53 8.77 4.75 -9.98
C ASN B 53 7.30 5.14 -10.18
N ASN B 54 6.39 4.20 -9.95
CA ASN B 54 4.96 4.44 -10.11
C ASN B 54 4.36 4.72 -8.73
N ARG B 55 3.78 5.92 -8.56
CA ARG B 55 3.15 6.32 -7.31
C ARG B 55 1.64 6.08 -7.38
N PRO B 56 1.00 5.71 -6.27
CA PRO B 56 -0.47 5.74 -6.24
C PRO B 56 -0.99 7.16 -6.34
N SER B 57 -2.30 7.26 -6.60
CA SER B 57 -2.93 8.56 -6.73
C SER B 57 -2.96 9.27 -5.38
N GLY B 58 -2.55 10.53 -5.38
CA GLY B 58 -2.51 11.33 -4.17
C GLY B 58 -1.16 11.40 -3.50
N ILE B 59 -0.18 10.63 -3.97
CA ILE B 59 1.17 10.65 -3.41
C ILE B 59 1.96 11.74 -4.12
N PRO B 60 2.58 12.67 -3.39
CA PRO B 60 3.22 13.81 -4.05
C PRO B 60 4.40 13.39 -4.92
N ASP B 61 4.73 14.27 -5.87
CA ASP B 61 5.75 13.96 -6.86
C ASP B 61 7.14 13.82 -6.25
N ARG B 62 7.38 14.42 -5.08
CA ARG B 62 8.73 14.38 -4.51
C ARG B 62 9.10 13.01 -3.98
N PHE B 63 8.22 12.02 -4.07
CA PHE B 63 8.55 10.64 -3.71
C PHE B 63 8.81 9.87 -5.00
N SER B 64 10.07 9.50 -5.23
CA SER B 64 10.47 8.80 -6.43
C SER B 64 11.21 7.52 -6.06
N GLY B 65 11.11 6.52 -6.92
CA GLY B 65 11.74 5.23 -6.71
C GLY B 65 12.65 4.86 -7.86
N SER B 66 13.81 4.30 -7.53
CA SER B 66 14.77 3.81 -8.50
C SER B 66 15.37 2.51 -7.97
N SER B 67 16.22 1.89 -8.79
CA SER B 67 16.82 0.62 -8.40
C SER B 67 18.00 0.33 -9.31
N SER B 68 18.91 -0.51 -8.81
CA SER B 68 20.08 -0.92 -9.58
C SER B 68 20.66 -2.16 -8.92
N GLY B 69 20.73 -3.27 -9.64
CA GLY B 69 21.19 -4.51 -9.05
C GLY B 69 20.14 -5.06 -8.10
N ASN B 70 20.59 -5.42 -6.89
CA ASN B 70 19.69 -5.88 -5.84
C ASN B 70 19.38 -4.80 -4.82
N THR B 71 19.48 -3.53 -5.23
CA THR B 71 19.29 -2.40 -4.33
C THR B 71 18.21 -1.49 -4.90
N ALA B 72 17.16 -1.25 -4.13
CA ALA B 72 16.10 -0.32 -4.48
C ALA B 72 16.16 0.89 -3.57
N SER B 73 15.94 2.07 -4.14
CA SER B 73 16.08 3.33 -3.42
C SER B 73 14.81 4.15 -3.53
N LEU B 74 14.42 4.76 -2.40
CA LEU B 74 13.34 5.74 -2.36
C LEU B 74 13.96 7.10 -2.08
N THR B 75 13.73 8.05 -2.99
CA THR B 75 14.28 9.40 -2.87
C THR B 75 13.17 10.37 -2.52
N ILE B 76 13.43 11.22 -1.54
CA ILE B 76 12.50 12.27 -1.12
C ILE B 76 13.20 13.60 -1.36
N THR B 77 12.71 14.36 -2.34
CA THR B 77 13.27 15.67 -2.67
C THR B 77 12.49 16.75 -1.96
N GLY B 78 13.21 17.67 -1.32
CA GLY B 78 12.56 18.73 -0.57
C GLY B 78 11.73 18.19 0.58
N ALA B 79 12.39 17.54 1.54
CA ALA B 79 11.68 16.93 2.66
C ALA B 79 10.87 17.98 3.41
N GLN B 80 9.63 17.65 3.72
CA GLN B 80 8.74 18.51 4.49
C GLN B 80 8.51 17.91 5.86
N ALA B 81 7.90 18.71 6.75
CA ALA B 81 7.70 18.27 8.12
C ALA B 81 6.87 17.00 8.19
N GLU B 82 5.84 16.89 7.36
CA GLU B 82 4.97 15.73 7.40
C GLU B 82 5.62 14.47 6.85
N ASP B 83 6.81 14.57 6.26
CA ASP B 83 7.54 13.39 5.81
C ASP B 83 8.19 12.63 6.95
N GLU B 84 8.21 13.20 8.15
CA GLU B 84 8.81 12.56 9.32
C GLU B 84 7.96 11.35 9.71
N ALA B 85 8.45 10.16 9.42
CA ALA B 85 7.67 8.92 9.60
C ALA B 85 8.60 7.73 9.39
N ASP B 86 8.01 6.54 9.43
CA ASP B 86 8.72 5.31 9.14
C ASP B 86 8.47 4.89 7.70
N TYR B 87 9.49 4.34 7.04
CA TYR B 87 9.40 3.93 5.65
C TYR B 87 9.86 2.50 5.51
N TYR B 88 8.94 1.64 5.06
CA TYR B 88 9.22 0.22 4.86
C TYR B 88 9.30 -0.10 3.38
N CYS B 89 10.29 -0.90 2.99
CA CYS B 89 10.33 -1.48 1.66
C CYS B 89 9.76 -2.90 1.72
N ASN B 90 9.29 -3.37 0.58
CA ASN B 90 8.47 -4.58 0.54
C ASN B 90 8.54 -5.20 -0.84
N SER B 91 8.73 -6.51 -0.89
CA SER B 91 8.79 -7.25 -2.14
C SER B 91 8.40 -8.70 -1.87
N ARG B 92 8.50 -9.52 -2.91
CA ARG B 92 8.19 -10.94 -2.83
C ARG B 92 9.45 -11.75 -3.02
N ASP B 93 9.66 -12.76 -2.17
CA ASP B 93 10.85 -13.58 -2.25
C ASP B 93 10.86 -14.35 -3.58
N SER B 94 12.06 -14.51 -4.14
CA SER B 94 12.23 -15.14 -5.44
C SER B 94 12.43 -16.65 -5.37
N SER B 95 12.46 -17.23 -4.16
CA SER B 95 12.71 -18.65 -3.99
C SER B 95 11.55 -19.31 -3.27
N GLY B 96 11.52 -20.64 -3.35
CA GLY B 96 10.50 -21.41 -2.67
C GLY B 96 9.11 -21.06 -3.17
N ASN B 97 8.15 -21.00 -2.24
CA ASN B 97 6.78 -20.62 -2.55
C ASN B 97 6.58 -19.12 -2.62
N HIS B 98 7.66 -18.35 -2.72
CA HIS B 98 7.60 -16.91 -2.89
C HIS B 98 6.87 -16.22 -1.75
N PRO B 99 7.32 -16.37 -0.50
CA PRO B 99 6.73 -15.58 0.58
C PRO B 99 7.09 -14.11 0.43
N VAL B 100 6.26 -13.27 1.01
CA VAL B 100 6.46 -11.83 0.98
C VAL B 100 7.38 -11.44 2.13
N VAL B 101 8.31 -10.52 1.86
CA VAL B 101 9.31 -10.10 2.83
C VAL B 101 9.23 -8.60 3.00
N PHE B 102 9.42 -8.15 4.24
CA PHE B 102 9.45 -6.73 4.57
C PHE B 102 10.86 -6.33 4.99
N GLY B 103 11.27 -5.12 4.61
CA GLY B 103 12.44 -4.53 5.24
C GLY B 103 12.17 -4.15 6.67
N GLY B 104 13.25 -3.96 7.43
CA GLY B 104 13.11 -3.59 8.82
C GLY B 104 12.50 -2.23 9.05
N GLY B 105 12.48 -1.38 8.03
CA GLY B 105 11.96 -0.04 8.14
C GLY B 105 13.07 0.98 8.36
N THR B 106 12.77 2.22 7.98
CA THR B 106 13.69 3.34 8.15
C THR B 106 12.95 4.48 8.82
N LYS B 107 13.44 4.89 9.99
CA LYS B 107 12.84 5.99 10.75
C LYS B 107 13.47 7.30 10.27
N LEU B 108 12.66 8.14 9.61
CA LEU B 108 13.15 9.36 8.97
C LEU B 108 12.89 10.55 9.88
N THR B 109 13.96 11.17 10.36
CA THR B 109 13.88 12.41 11.12
C THR B 109 14.07 13.60 10.17
N VAL B 110 13.18 14.58 10.26
CA VAL B 110 13.28 15.80 9.49
C VAL B 110 13.74 16.91 10.43
N LEU B 111 14.98 17.35 10.26
CA LEU B 111 15.54 18.40 11.10
C LEU B 111 15.12 19.77 10.59
N GLY B 112 15.33 20.78 11.43
CA GLY B 112 15.06 22.14 11.05
C GLY B 112 13.61 22.57 11.11
N GLN B 113 12.73 21.75 11.67
CA GLN B 113 11.35 22.17 11.83
C GLN B 113 11.27 23.32 12.84
N PRO B 114 10.24 24.16 12.73
CA PRO B 114 10.16 25.33 13.63
C PRO B 114 10.07 24.91 15.09
N LYS B 115 10.92 25.49 15.92
CA LYS B 115 10.90 25.23 17.35
C LYS B 115 9.63 25.81 17.96
N GLY B 116 9.13 25.14 19.00
CA GLY B 116 7.94 25.59 19.70
C GLY B 116 7.98 25.24 21.17
N ALA B 117 7.78 26.24 22.03
CA ALA B 117 7.78 26.00 23.46
C ALA B 117 6.50 25.26 23.86
N PRO B 118 6.57 24.35 24.82
CA PRO B 118 5.37 23.58 25.18
C PRO B 118 4.32 24.43 25.86
N SER B 119 3.06 24.18 25.48
CA SER B 119 1.90 24.75 26.16
C SER B 119 1.38 23.70 27.14
N VAL B 120 1.33 24.06 28.42
CA VAL B 120 1.00 23.13 29.49
C VAL B 120 -0.37 23.46 30.06
N THR B 121 -1.22 22.45 30.20
CA THR B 121 -2.51 22.58 30.86
C THR B 121 -2.59 21.50 31.93
N LEU B 122 -2.74 21.93 33.19
CA LEU B 122 -2.77 21.02 34.32
C LEU B 122 -4.18 20.98 34.91
N PHE B 123 -4.81 19.81 34.87
CA PHE B 123 -6.15 19.65 35.42
C PHE B 123 -6.06 19.05 36.82
N PRO B 124 -6.71 19.63 37.82
CA PRO B 124 -6.77 18.98 39.13
C PRO B 124 -7.72 17.80 39.09
N PRO B 125 -7.79 17.01 40.15
CA PRO B 125 -8.81 15.94 40.22
C PRO B 125 -10.21 16.53 40.08
N SER B 126 -10.94 16.02 39.10
CA SER B 126 -12.34 16.41 38.95
C SER B 126 -13.12 16.03 40.20
N SER B 127 -14.17 16.80 40.51
CA SER B 127 -14.96 16.51 41.70
C SER B 127 -15.69 15.17 41.56
N GLU B 128 -16.08 14.79 40.34
CA GLU B 128 -16.71 13.50 40.14
C GLU B 128 -15.75 12.36 40.46
N GLU B 129 -14.47 12.51 40.09
CA GLU B 129 -13.49 11.49 40.42
C GLU B 129 -13.25 11.44 41.93
N LEU B 130 -13.16 12.61 42.56
CA LEU B 130 -13.00 12.66 44.02
C LEU B 130 -14.16 11.96 44.71
N GLN B 131 -15.39 12.22 44.26
CA GLN B 131 -16.55 11.53 44.81
C GLN B 131 -16.51 10.04 44.53
N ALA B 132 -15.71 9.60 43.57
CA ALA B 132 -15.42 8.19 43.37
C ALA B 132 -14.18 7.74 44.14
N ASN B 133 -13.68 8.57 45.05
CA ASN B 133 -12.57 8.22 45.94
C ASN B 133 -11.26 8.04 45.18
N LYS B 134 -11.06 8.83 44.11
CA LYS B 134 -9.82 8.79 43.35
C LYS B 134 -9.43 10.21 42.99
N ALA B 135 -8.13 10.41 42.79
CA ALA B 135 -7.59 11.74 42.49
C ALA B 135 -6.45 11.57 41.46
N THR B 136 -6.75 11.92 40.22
CA THR B 136 -5.76 11.88 39.14
C THR B 136 -5.50 13.30 38.66
N LEU B 137 -4.23 13.70 38.67
CA LEU B 137 -3.81 14.97 38.08
C LEU B 137 -3.39 14.72 36.63
N VAL B 138 -3.94 15.50 35.71
CA VAL B 138 -3.70 15.33 34.28
C VAL B 138 -2.93 16.55 33.77
N CYS B 139 -1.72 16.32 33.28
CA CYS B 139 -0.86 17.38 32.76
C CYS B 139 -0.72 17.16 31.26
N LEU B 140 -1.39 17.99 30.46
CA LEU B 140 -1.38 17.88 29.01
C LEU B 140 -0.40 18.88 28.42
N ILE B 141 0.46 18.41 27.53
CA ILE B 141 1.55 19.20 26.97
C ILE B 141 1.40 19.18 25.46
N SER B 142 1.40 20.37 24.84
CA SER B 142 1.03 20.47 23.44
C SER B 142 1.86 21.53 22.72
N ASP B 143 1.91 21.38 21.39
CA ASP B 143 2.40 22.42 20.48
C ASP B 143 3.91 22.66 20.60
N PHE B 144 4.69 21.63 20.90
CA PHE B 144 6.13 21.81 21.06
C PHE B 144 6.92 21.05 20.00
N TYR B 145 8.12 21.56 19.70
CA TYR B 145 9.09 20.90 18.86
C TYR B 145 10.46 21.41 19.28
N PRO B 146 11.49 20.54 19.36
CA PRO B 146 11.54 19.11 19.07
C PRO B 146 10.64 18.25 19.95
N GLY B 147 10.28 17.07 19.47
CA GLY B 147 9.35 16.20 20.16
C GLY B 147 9.98 15.41 21.29
N ALA B 148 10.61 16.11 22.23
CA ALA B 148 11.24 15.49 23.39
C ALA B 148 11.00 16.39 24.59
N VAL B 149 10.71 15.76 25.73
CA VAL B 149 10.31 16.51 26.92
C VAL B 149 10.48 15.62 28.14
N THR B 150 10.85 16.23 29.26
CA THR B 150 10.92 15.55 30.55
C THR B 150 9.97 16.24 31.52
N VAL B 151 9.30 15.44 32.34
CA VAL B 151 8.25 15.92 33.24
C VAL B 151 8.63 15.57 34.68
N ALA B 152 8.53 16.55 35.57
CA ALA B 152 8.75 16.35 37.00
C ALA B 152 7.57 16.90 37.77
N TRP B 153 7.12 16.15 38.76
CA TRP B 153 5.98 16.52 39.59
C TRP B 153 6.46 16.94 40.97
N LYS B 154 5.74 17.90 41.56
CA LYS B 154 6.06 18.42 42.89
C LYS B 154 4.81 18.41 43.75
N ALA B 155 4.95 17.92 44.98
CA ALA B 155 3.94 18.08 46.02
C ALA B 155 4.42 19.20 46.93
N ASP B 156 3.70 20.32 46.95
CA ASP B 156 4.19 21.54 47.57
C ASP B 156 5.51 21.94 46.91
N SER B 157 6.63 21.74 47.60
CA SER B 157 7.94 21.99 47.02
C SER B 157 8.81 20.73 46.98
N SER B 158 8.26 19.58 47.35
CA SER B 158 9.03 18.34 47.42
C SER B 158 8.80 17.48 46.19
N PRO B 159 9.81 16.77 45.69
CA PRO B 159 9.60 15.91 44.52
C PRO B 159 8.69 14.74 44.84
N VAL B 160 7.97 14.29 43.82
CA VAL B 160 7.13 13.09 43.91
C VAL B 160 7.32 12.30 42.63
N LYS B 161 7.84 11.08 42.75
CA LYS B 161 8.02 10.19 41.61
C LYS B 161 7.05 9.02 41.60
N ALA B 162 6.54 8.62 42.75
CA ALA B 162 5.59 7.52 42.81
C ALA B 162 4.24 7.95 42.25
N GLY B 163 3.60 7.05 41.51
CA GLY B 163 2.31 7.34 40.92
C GLY B 163 2.35 8.15 39.65
N VAL B 164 3.53 8.33 39.05
CA VAL B 164 3.69 9.16 37.86
C VAL B 164 3.77 8.27 36.63
N GLU B 165 2.94 8.56 35.64
CA GLU B 165 2.96 7.88 34.35
C GLU B 165 2.96 8.94 33.25
N THR B 166 3.85 8.76 32.26
CA THR B 166 4.06 9.76 31.22
C THR B 166 4.19 9.05 29.87
N THR B 167 3.58 9.65 28.84
CA THR B 167 3.60 9.07 27.51
C THR B 167 4.76 9.65 26.69
N THR B 168 5.16 8.89 25.67
CA THR B 168 6.15 9.40 24.73
C THR B 168 5.49 10.38 23.76
N PRO B 169 6.13 11.49 23.44
CA PRO B 169 5.51 12.47 22.55
C PRO B 169 5.15 11.86 21.20
N SER B 170 4.08 12.40 20.60
CA SER B 170 3.67 12.03 19.25
C SER B 170 3.04 13.25 18.59
N LYS B 171 2.97 13.21 17.27
CA LYS B 171 2.62 14.40 16.50
C LYS B 171 1.14 14.76 16.65
N GLN B 172 0.86 16.06 16.71
CA GLN B 172 -0.49 16.57 16.63
C GLN B 172 -0.91 16.66 15.15
N SER B 173 -2.14 17.11 14.91
CA SER B 173 -2.60 17.32 13.55
C SER B 173 -1.96 18.52 12.88
N ASN B 174 -1.27 19.38 13.64
CA ASN B 174 -0.59 20.54 13.09
C ASN B 174 0.91 20.36 13.01
N ASN B 175 1.39 19.12 13.05
CA ASN B 175 2.79 18.73 12.96
C ASN B 175 3.61 19.12 14.20
N LYS B 176 3.02 19.81 15.16
CA LYS B 176 3.67 19.95 16.46
C LYS B 176 3.45 18.69 17.28
N TYR B 177 4.24 18.54 18.34
CA TYR B 177 4.17 17.36 19.19
C TYR B 177 3.37 17.64 20.46
N ALA B 178 2.85 16.56 21.03
CA ALA B 178 2.10 16.63 22.28
C ALA B 178 2.44 15.41 23.13
N ALA B 179 2.26 15.55 24.44
CA ALA B 179 2.51 14.48 25.39
C ALA B 179 1.63 14.70 26.61
N SER B 180 1.63 13.72 27.50
CA SER B 180 0.78 13.76 28.67
C SER B 180 1.47 13.08 29.85
N SER B 181 1.12 13.51 31.05
CA SER B 181 1.65 12.93 32.28
C SER B 181 0.54 12.88 33.31
N TYR B 182 0.55 11.83 34.13
CA TYR B 182 -0.49 11.60 35.13
C TYR B 182 0.14 11.39 36.50
N LEU B 183 -0.43 12.03 37.51
CA LEU B 183 -0.07 11.78 38.91
C LEU B 183 -1.31 11.22 39.60
N SER B 184 -1.26 9.96 39.99
CA SER B 184 -2.38 9.30 40.66
C SER B 184 -2.22 9.44 42.16
N LEU B 185 -3.20 10.06 42.80
CA LEU B 185 -3.20 10.27 44.25
C LEU B 185 -4.48 9.70 44.85
N THR B 186 -4.43 9.38 46.13
CA THR B 186 -5.63 9.16 46.91
C THR B 186 -6.25 10.51 47.27
N PRO B 187 -7.54 10.54 47.57
CA PRO B 187 -8.15 11.82 47.99
C PRO B 187 -7.42 12.48 49.15
N GLU B 188 -6.88 11.70 50.08
CA GLU B 188 -6.19 12.28 51.24
C GLU B 188 -4.86 12.91 50.83
N GLN B 189 -4.11 12.25 49.96
CA GLN B 189 -2.88 12.84 49.45
C GLN B 189 -3.17 14.15 48.73
N TRP B 190 -4.29 14.22 48.01
CA TRP B 190 -4.65 15.43 47.29
C TRP B 190 -4.91 16.59 48.25
N LYS B 191 -5.78 16.39 49.23
CA LYS B 191 -6.22 17.50 50.07
C LYS B 191 -5.27 17.79 51.23
N SER B 192 -4.28 16.93 51.49
CA SER B 192 -3.36 17.17 52.59
C SER B 192 -2.20 18.08 52.23
N HIS B 193 -2.05 18.45 50.96
CA HIS B 193 -0.99 19.35 50.53
C HIS B 193 -1.58 20.67 50.08
N ARG B 194 -0.73 21.70 50.11
CA ARG B 194 -1.17 23.03 49.70
C ARG B 194 -1.29 23.15 48.18
N SER B 195 -0.42 22.47 47.44
CA SER B 195 -0.46 22.57 45.99
C SER B 195 0.33 21.41 45.37
N TYR B 196 0.08 21.18 44.09
CA TYR B 196 0.83 20.25 43.28
C TYR B 196 1.25 20.95 41.99
N SER B 197 2.41 20.58 41.47
CA SER B 197 2.96 21.24 40.29
C SER B 197 3.41 20.22 39.25
N CYS B 198 3.18 20.55 37.98
CA CYS B 198 3.70 19.80 36.84
C CYS B 198 4.78 20.64 36.17
N GLN B 199 6.02 20.14 36.19
CA GLN B 199 7.16 20.87 35.66
C GLN B 199 7.62 20.20 34.36
N VAL B 200 7.52 20.93 33.26
CA VAL B 200 7.80 20.41 31.93
C VAL B 200 9.07 21.10 31.42
N THR B 201 10.13 20.32 31.26
CA THR B 201 11.40 20.83 30.74
C THR B 201 11.51 20.50 29.25
N HIS B 202 11.85 21.50 28.45
CA HIS B 202 11.95 21.36 27.00
C HIS B 202 13.09 22.24 26.51
N GLU B 203 14.12 21.62 25.93
CA GLU B 203 15.26 22.34 25.39
C GLU B 203 15.86 23.28 26.43
N GLY B 204 16.04 22.75 27.64
CA GLY B 204 16.67 23.48 28.71
C GLY B 204 15.79 24.45 29.46
N SER B 205 14.59 24.73 28.96
CA SER B 205 13.66 25.65 29.61
C SER B 205 12.50 24.88 30.21
N THR B 206 11.97 25.41 31.32
CA THR B 206 10.97 24.70 32.12
C THR B 206 9.71 25.53 32.24
N VAL B 207 8.56 24.90 31.97
CA VAL B 207 7.25 25.49 32.20
C VAL B 207 6.58 24.71 33.33
N GLU B 208 6.12 25.43 34.36
CA GLU B 208 5.49 24.82 35.52
C GLU B 208 4.07 25.33 35.66
N LYS B 209 3.14 24.41 35.91
CA LYS B 209 1.75 24.73 36.22
C LYS B 209 1.44 24.18 37.61
N THR B 210 0.58 24.91 38.34
CA THR B 210 0.27 24.57 39.71
C THR B 210 -1.24 24.57 39.92
N VAL B 211 -1.72 23.58 40.68
CA VAL B 211 -3.11 23.50 41.09
C VAL B 211 -3.15 23.32 42.61
N ALA B 212 -4.25 23.75 43.22
CA ALA B 212 -4.40 23.67 44.66
C ALA B 212 -5.77 23.13 45.01
N PRO B 213 -5.86 22.25 46.01
CA PRO B 213 -7.18 21.69 46.36
C PRO B 213 -8.20 22.73 46.80
N THR B 214 -7.75 23.80 47.46
CA THR B 214 -8.66 24.79 48.00
C THR B 214 -9.17 25.78 46.96
N GLU B 215 -8.68 25.70 45.72
CA GLU B 215 -8.98 26.72 44.72
C GLU B 215 -9.46 26.10 43.42
N GLN C 3 -13.54 0.57 -6.05
CA GLN C 3 -13.15 1.29 -4.81
C GLN C 3 -13.19 0.33 -3.62
N VAL C 4 -12.55 -0.84 -3.80
CA VAL C 4 -12.57 -1.86 -2.78
C VAL C 4 -12.09 -1.29 -1.46
N GLN C 5 -12.73 -1.71 -0.37
CA GLN C 5 -12.37 -1.28 0.98
C GLN C 5 -12.43 -2.49 1.91
N LEU C 6 -11.47 -2.56 2.83
CA LEU C 6 -11.36 -3.67 3.75
C LEU C 6 -11.61 -3.20 5.19
N GLN C 7 -12.05 -4.14 6.03
CA GLN C 7 -12.37 -3.84 7.43
C GLN C 7 -12.20 -5.10 8.26
N GLU C 8 -11.28 -5.05 9.22
CA GLU C 8 -11.07 -6.20 10.09
C GLU C 8 -12.11 -6.24 11.20
N SER C 9 -12.24 -7.40 11.82
CA SER C 9 -13.11 -7.56 12.97
C SER C 9 -12.70 -8.82 13.72
N GLY C 10 -12.93 -8.82 15.02
CA GLY C 10 -12.59 -9.96 15.85
C GLY C 10 -12.29 -9.55 17.28
N PRO C 11 -12.10 -10.54 18.16
CA PRO C 11 -11.87 -10.23 19.56
C PRO C 11 -10.53 -9.51 19.77
N GLY C 12 -10.56 -8.48 20.62
CA GLY C 12 -9.35 -7.77 20.96
C GLY C 12 -8.52 -8.42 22.04
N LEU C 13 -9.03 -9.50 22.65
CA LEU C 13 -8.35 -10.18 23.74
C LEU C 13 -8.37 -11.68 23.47
N VAL C 14 -7.22 -12.32 23.64
CA VAL C 14 -7.10 -13.76 23.45
C VAL C 14 -6.25 -14.32 24.59
N LYS C 15 -6.74 -15.34 25.27
CA LYS C 15 -5.98 -15.95 26.35
C LYS C 15 -4.79 -16.72 25.78
N PRO C 16 -3.69 -16.81 26.54
CA PRO C 16 -2.54 -17.57 26.05
C PRO C 16 -2.91 -19.00 25.73
N SER C 17 -2.24 -19.56 24.73
CA SER C 17 -2.50 -20.90 24.19
C SER C 17 -3.84 -20.98 23.47
N GLY C 18 -4.54 -19.86 23.31
CA GLY C 18 -5.80 -19.83 22.59
C GLY C 18 -5.59 -19.66 21.10
N THR C 19 -6.69 -19.38 20.41
CA THR C 19 -6.69 -19.22 18.96
C THR C 19 -7.23 -17.85 18.61
N LEU C 20 -6.42 -17.05 17.92
CA LEU C 20 -6.84 -15.75 17.41
C LEU C 20 -7.67 -15.96 16.15
N SER C 21 -8.81 -15.27 16.07
CA SER C 21 -9.73 -15.40 14.95
C SER C 21 -10.19 -14.03 14.50
N LEU C 22 -9.85 -13.68 13.25
CA LEU C 22 -10.21 -12.40 12.68
C LEU C 22 -10.86 -12.59 11.32
N THR C 23 -11.79 -11.69 10.99
CA THR C 23 -12.49 -11.72 9.72
C THR C 23 -12.34 -10.35 9.05
N CYS C 24 -12.04 -10.36 7.76
CA CYS C 24 -11.87 -9.15 6.96
C CYS C 24 -13.05 -9.03 6.01
N ALA C 25 -13.84 -7.98 6.17
CA ALA C 25 -15.00 -7.74 5.33
C ALA C 25 -14.57 -6.95 4.09
N VAL C 26 -14.87 -7.49 2.91
CA VAL C 26 -14.52 -6.86 1.64
C VAL C 26 -15.77 -6.21 1.07
N SER C 27 -15.65 -4.96 0.65
CA SER C 27 -16.76 -4.21 0.09
C SER C 27 -16.27 -3.36 -1.07
N GLY C 28 -17.20 -2.93 -1.92
CA GLY C 28 -16.87 -2.17 -3.09
C GLY C 28 -16.31 -2.97 -4.24
N GLY C 29 -16.02 -4.25 -4.03
CA GLY C 29 -15.52 -5.13 -5.06
C GLY C 29 -15.82 -6.56 -4.67
N SER C 30 -15.47 -7.47 -5.58
CA SER C 30 -15.69 -8.89 -5.35
C SER C 30 -14.38 -9.57 -4.98
N ILE C 31 -14.46 -10.52 -4.06
CA ILE C 31 -13.27 -11.31 -3.73
C ILE C 31 -12.91 -12.22 -4.89
N SER C 32 -13.91 -12.74 -5.60
CA SER C 32 -13.66 -13.47 -6.83
C SER C 32 -12.97 -12.52 -7.81
N SER C 33 -11.65 -12.61 -7.89
CA SER C 33 -10.84 -11.65 -8.63
C SER C 33 -9.45 -12.23 -8.79
N SER C 34 -8.57 -11.46 -9.43
CA SER C 34 -7.16 -11.78 -9.51
C SER C 34 -6.49 -10.89 -8.48
N ASN C 35 -6.52 -11.36 -7.23
CA ASN C 35 -5.83 -10.68 -6.12
C ASN C 35 -5.44 -11.71 -5.08
N TRP C 36 -4.48 -11.34 -4.25
CA TRP C 36 -4.04 -12.16 -3.12
C TRP C 36 -4.44 -11.43 -1.85
N TRP C 37 -5.50 -11.92 -1.21
CA TRP C 37 -6.02 -11.32 0.02
C TRP C 37 -5.10 -11.69 1.17
N SER C 38 -4.46 -10.68 1.77
CA SER C 38 -3.33 -10.90 2.64
C SER C 38 -3.63 -10.46 4.07
N TRP C 39 -2.80 -10.94 4.99
CA TRP C 39 -2.86 -10.56 6.39
C TRP C 39 -1.47 -10.09 6.82
N VAL C 40 -1.42 -8.97 7.52
CA VAL C 40 -0.18 -8.38 8.02
C VAL C 40 -0.38 -7.99 9.47
N ARG C 41 0.70 -8.10 10.26
CA ARG C 41 0.66 -7.71 11.66
C ARG C 41 1.89 -6.89 12.01
N GLN C 42 1.78 -6.15 13.10
CA GLN C 42 2.85 -5.27 13.58
C GLN C 42 2.84 -5.28 15.10
N PRO C 43 3.78 -5.98 15.72
CA PRO C 43 3.85 -5.98 17.20
C PRO C 43 4.11 -4.57 17.72
N PRO C 44 3.90 -4.35 19.01
CA PRO C 44 4.15 -3.00 19.58
C PRO C 44 5.59 -2.56 19.33
N GLY C 45 5.74 -1.41 18.69
CA GLY C 45 7.05 -0.82 18.49
C GLY C 45 7.97 -1.62 17.61
N LYS C 46 7.44 -2.43 16.70
CA LYS C 46 8.25 -3.23 15.80
C LYS C 46 7.76 -3.01 14.37
N GLY C 47 8.48 -3.62 13.42
CA GLY C 47 8.17 -3.45 12.01
C GLY C 47 6.98 -4.28 11.56
N LEU C 48 6.73 -4.23 10.25
CA LEU C 48 5.65 -4.98 9.65
C LEU C 48 6.08 -6.41 9.39
N GLU C 49 5.16 -7.35 9.62
CA GLU C 49 5.41 -8.78 9.40
C GLU C 49 4.29 -9.35 8.56
N TRP C 50 4.63 -9.96 7.43
CA TRP C 50 3.66 -10.59 6.56
C TRP C 50 3.28 -11.95 7.13
N ILE C 51 1.97 -12.24 7.16
CA ILE C 51 1.47 -13.48 7.73
C ILE C 51 1.16 -14.47 6.63
N GLY C 52 0.29 -14.09 5.70
CA GLY C 52 -0.04 -14.98 4.61
C GLY C 52 -0.99 -14.33 3.63
N GLU C 53 -1.30 -15.08 2.57
CA GLU C 53 -2.18 -14.62 1.49
C GLU C 53 -3.05 -15.78 1.04
N ILE C 54 -4.15 -15.45 0.37
CA ILE C 54 -5.07 -16.47 -0.11
C ILE C 54 -5.70 -16.00 -1.42
N TYR C 55 -5.89 -16.94 -2.34
CA TYR C 55 -6.61 -16.72 -3.58
C TYR C 55 -8.08 -17.09 -3.39
N HIS C 56 -8.95 -16.47 -4.18
CA HIS C 56 -10.38 -16.76 -4.05
C HIS C 56 -10.66 -18.24 -4.26
N SER C 57 -9.79 -18.93 -5.01
CA SER C 57 -9.94 -20.37 -5.18
C SER C 57 -9.73 -21.13 -3.88
N GLY C 58 -9.03 -20.53 -2.93
CA GLY C 58 -8.75 -21.17 -1.65
C GLY C 58 -7.30 -21.57 -1.46
N SER C 59 -6.46 -21.45 -2.50
CA SER C 59 -5.05 -21.76 -2.35
C SER C 59 -4.36 -20.69 -1.51
N THR C 60 -3.43 -21.11 -0.67
CA THR C 60 -2.84 -20.24 0.33
C THR C 60 -1.32 -20.27 0.22
N ASN C 61 -0.70 -19.20 0.75
CA ASN C 61 0.74 -19.09 0.83
C ASN C 61 1.07 -18.36 2.13
N TYR C 62 1.80 -19.01 3.01
CA TYR C 62 1.98 -18.54 4.38
C TYR C 62 3.42 -18.15 4.66
N ASN C 63 3.60 -17.31 5.67
CA ASN C 63 4.91 -17.02 6.21
C ASN C 63 5.51 -18.31 6.76
N PRO C 64 6.70 -18.73 6.32
CA PRO C 64 7.25 -19.99 6.81
C PRO C 64 7.34 -20.08 8.33
N SER C 65 7.68 -18.98 9.00
CA SER C 65 7.83 -19.01 10.45
C SER C 65 6.50 -19.10 11.19
N LEU C 66 5.37 -18.95 10.49
CA LEU C 66 4.05 -19.04 11.10
C LEU C 66 3.19 -20.12 10.46
N LYS C 67 3.76 -20.95 9.58
CA LYS C 67 2.96 -21.87 8.78
C LYS C 67 2.20 -22.85 9.65
N SER C 68 2.88 -23.45 10.63
CA SER C 68 2.28 -24.51 11.44
C SER C 68 1.34 -23.97 12.53
N ARG C 69 0.97 -22.69 12.47
CA ARG C 69 -0.03 -22.14 13.37
C ARG C 69 -1.08 -21.31 12.65
N VAL C 70 -0.93 -21.10 11.35
CA VAL C 70 -1.74 -20.14 10.60
C VAL C 70 -2.70 -20.91 9.68
N THR C 71 -3.93 -20.42 9.61
CA THR C 71 -4.91 -20.89 8.64
C THR C 71 -5.66 -19.68 8.11
N ILE C 72 -5.68 -19.51 6.80
CA ILE C 72 -6.38 -18.42 6.15
C ILE C 72 -7.48 -19.02 5.29
N SER C 73 -8.72 -18.59 5.53
CA SER C 73 -9.88 -19.10 4.82
C SER C 73 -10.51 -17.99 3.98
N VAL C 74 -11.34 -18.42 3.03
CA VAL C 74 -12.10 -17.52 2.18
C VAL C 74 -13.56 -17.97 2.19
N ASP C 75 -14.46 -16.99 2.12
CA ASP C 75 -15.90 -17.27 2.18
C ASP C 75 -16.61 -16.36 1.19
N LYS C 76 -16.91 -16.90 0.00
CA LYS C 76 -17.59 -16.12 -1.03
C LYS C 76 -19.06 -15.92 -0.73
N SER C 77 -19.62 -16.62 0.26
CA SER C 77 -21.02 -16.39 0.62
C SER C 77 -21.22 -15.04 1.30
N LYS C 78 -20.19 -14.53 1.98
CA LYS C 78 -20.26 -13.24 2.64
C LYS C 78 -19.25 -12.23 2.12
N ASN C 79 -18.47 -12.58 1.10
CA ASN C 79 -17.45 -11.69 0.56
C ASN C 79 -16.43 -11.34 1.63
N GLN C 80 -15.93 -12.37 2.32
CA GLN C 80 -15.00 -12.19 3.42
C GLN C 80 -13.87 -13.22 3.29
N PHE C 81 -12.74 -12.91 3.92
CA PHE C 81 -11.69 -13.88 4.16
C PHE C 81 -11.18 -13.67 5.58
N SER C 82 -10.69 -14.75 6.19
CA SER C 82 -10.43 -14.76 7.62
C SER C 82 -9.04 -15.32 7.91
N LEU C 83 -8.66 -15.23 9.19
CA LEU C 83 -7.35 -15.68 9.66
C LEU C 83 -7.52 -16.36 10.99
N LYS C 84 -6.84 -17.50 11.17
CA LYS C 84 -6.79 -18.20 12.44
C LYS C 84 -5.34 -18.48 12.82
N LEU C 85 -4.97 -18.12 14.04
CA LEU C 85 -3.62 -18.33 14.55
C LEU C 85 -3.73 -19.03 15.90
N SER C 86 -3.15 -20.22 15.98
CA SER C 86 -3.31 -21.08 17.15
C SER C 86 -2.10 -21.00 18.07
N SER C 87 -2.32 -21.39 19.33
CA SER C 87 -1.27 -21.45 20.35
C SER C 87 -0.56 -20.10 20.48
N VAL C 88 -1.35 -19.05 20.68
CA VAL C 88 -0.81 -17.70 20.72
C VAL C 88 -0.11 -17.45 22.04
N THR C 89 0.96 -16.65 21.98
CA THR C 89 1.66 -16.21 23.18
C THR C 89 1.75 -14.68 23.18
N ALA C 90 2.51 -14.11 24.11
CA ALA C 90 2.69 -12.67 24.14
C ALA C 90 3.35 -12.15 22.87
N ALA C 91 4.10 -12.99 22.16
CA ALA C 91 4.74 -12.59 20.92
C ALA C 91 3.74 -12.35 19.79
N ASP C 92 2.48 -12.74 19.97
CA ASP C 92 1.44 -12.55 18.97
C ASP C 92 0.58 -11.33 19.24
N THR C 93 0.81 -10.62 20.34
CA THR C 93 0.15 -9.35 20.58
C THR C 93 0.62 -8.35 19.52
N ALA C 94 -0.33 -7.77 18.79
CA ALA C 94 0.02 -6.90 17.68
C ALA C 94 -1.25 -6.31 17.09
N VAL C 95 -1.06 -5.30 16.23
CA VAL C 95 -2.12 -4.77 15.39
C VAL C 95 -2.14 -5.59 14.11
N TYR C 96 -3.30 -6.13 13.76
CA TYR C 96 -3.46 -7.00 12.59
C TYR C 96 -4.19 -6.26 11.49
N TYR C 97 -3.62 -6.30 10.29
CA TYR C 97 -4.22 -5.69 9.11
C TYR C 97 -4.54 -6.76 8.07
N CYS C 98 -5.63 -6.55 7.33
CA CYS C 98 -5.90 -7.28 6.11
C CYS C 98 -5.70 -6.33 4.93
N ALA C 99 -5.11 -6.85 3.85
CA ALA C 99 -4.72 -6.02 2.72
C ALA C 99 -5.00 -6.79 1.43
N ARG C 100 -4.58 -6.19 0.31
CA ARG C 100 -4.91 -6.68 -1.03
C ARG C 100 -3.67 -6.59 -1.89
N ALA C 101 -3.21 -7.72 -2.42
CA ALA C 101 -2.03 -7.77 -3.26
C ALA C 101 -2.39 -8.14 -4.69
N PRO C 102 -1.55 -7.78 -5.67
CA PRO C 102 -1.87 -8.08 -7.07
C PRO C 102 -1.36 -9.45 -7.48
N PRO C 103 -1.73 -9.93 -8.66
CA PRO C 103 -1.20 -11.21 -9.15
C PRO C 103 0.27 -11.09 -9.53
N TYR C 104 0.93 -12.24 -9.62
CA TYR C 104 2.35 -12.28 -9.91
C TYR C 104 2.69 -13.51 -10.73
N CYS C 105 3.93 -13.57 -11.18
CA CYS C 105 4.46 -14.70 -11.94
C CYS C 105 5.73 -15.22 -11.27
N SER C 106 5.97 -16.53 -11.42
CA SER C 106 7.17 -17.14 -10.88
C SER C 106 8.32 -17.17 -11.89
N SER C 107 8.02 -17.10 -13.19
CA SER C 107 9.04 -17.12 -14.23
C SER C 107 9.09 -15.79 -14.96
N THR C 108 10.03 -15.67 -15.86
CA THR C 108 10.24 -14.44 -16.65
C THR C 108 9.54 -14.54 -18.00
N SER C 109 8.24 -14.87 -18.00
CA SER C 109 7.49 -15.04 -19.24
C SER C 109 6.20 -14.22 -19.24
N CYS C 110 6.10 -13.21 -18.38
CA CYS C 110 4.89 -12.42 -18.24
C CYS C 110 5.20 -10.94 -18.47
N PRO C 111 4.18 -10.12 -18.71
CA PRO C 111 4.42 -8.67 -18.77
C PRO C 111 4.84 -8.13 -17.42
N ASP C 112 5.34 -6.88 -17.43
CA ASP C 112 5.94 -6.31 -16.23
C ASP C 112 4.94 -6.17 -15.09
N ASP C 113 3.64 -6.06 -15.40
CA ASP C 113 2.65 -5.86 -14.34
C ASP C 113 2.63 -7.00 -13.34
N TYR C 114 3.12 -8.18 -13.72
CA TYR C 114 3.06 -9.36 -12.85
C TYR C 114 4.36 -9.58 -12.07
N TYR C 115 5.21 -8.56 -11.99
CA TYR C 115 6.42 -8.63 -11.18
C TYR C 115 6.44 -7.54 -10.11
N TYR C 116 5.34 -6.82 -9.94
CA TYR C 116 5.16 -5.95 -8.80
C TYR C 116 4.76 -6.76 -7.58
N TYR C 117 5.12 -6.26 -6.40
CA TYR C 117 4.42 -6.63 -5.18
C TYR C 117 4.15 -5.38 -4.36
N TYR C 118 2.89 -5.21 -3.97
CA TYR C 118 2.48 -4.12 -3.10
C TYR C 118 1.16 -4.51 -2.47
N MET C 119 0.77 -3.76 -1.45
CA MET C 119 -0.56 -3.87 -0.84
C MET C 119 -1.15 -2.47 -0.86
N ASP C 120 -2.03 -2.21 -1.84
CA ASP C 120 -2.50 -0.85 -2.07
C ASP C 120 -3.66 -0.49 -1.16
N VAL C 121 -4.63 -1.38 -0.97
CA VAL C 121 -5.75 -1.13 -0.06
C VAL C 121 -5.50 -1.90 1.23
N TRP C 122 -5.73 -1.22 2.35
CA TRP C 122 -5.51 -1.79 3.67
C TRP C 122 -6.75 -1.59 4.53
N GLY C 123 -6.98 -2.53 5.44
CA GLY C 123 -7.93 -2.30 6.50
C GLY C 123 -7.37 -1.32 7.53
N LYS C 124 -8.25 -0.76 8.34
CA LYS C 124 -7.82 0.17 9.37
C LYS C 124 -7.02 -0.51 10.47
N GLY C 125 -7.06 -1.84 10.55
CA GLY C 125 -6.31 -2.57 11.56
C GLY C 125 -7.06 -2.72 12.86
N THR C 126 -6.93 -3.87 13.50
CA THR C 126 -7.57 -4.15 14.78
C THR C 126 -6.52 -4.70 15.73
N THR C 127 -6.50 -4.18 16.96
CA THR C 127 -5.49 -4.57 17.94
C THR C 127 -5.90 -5.85 18.63
N VAL C 128 -4.97 -6.80 18.70
CA VAL C 128 -5.16 -8.05 19.43
C VAL C 128 -4.04 -8.17 20.44
N THR C 129 -4.40 -8.40 21.70
CA THR C 129 -3.43 -8.57 22.78
C THR C 129 -3.66 -9.92 23.43
N VAL C 130 -2.58 -10.66 23.64
CA VAL C 130 -2.64 -11.99 24.24
C VAL C 130 -2.32 -11.82 25.72
N SER C 131 -3.30 -12.09 26.58
CA SER C 131 -3.13 -11.94 28.01
C SER C 131 -4.16 -12.79 28.74
N GLY C 132 -3.81 -13.18 29.97
CA GLY C 132 -4.75 -13.88 30.82
C GLY C 132 -5.70 -12.96 31.57
N ALA C 133 -5.38 -11.67 31.63
CA ALA C 133 -6.24 -10.71 32.32
C ALA C 133 -7.57 -10.58 31.58
N SER C 134 -8.56 -10.04 32.29
CA SER C 134 -9.91 -9.96 31.77
C SER C 134 -10.25 -8.55 31.30
N THR C 135 -11.22 -8.48 30.39
CA THR C 135 -11.68 -7.21 29.85
C THR C 135 -12.24 -6.33 30.95
N LYS C 136 -12.06 -5.02 30.80
CA LYS C 136 -12.67 -4.04 31.70
C LYS C 136 -12.99 -2.79 30.91
N GLY C 137 -14.26 -2.38 30.93
CA GLY C 137 -14.68 -1.15 30.32
C GLY C 137 -14.14 0.05 31.06
N PRO C 138 -14.18 1.22 30.44
CA PRO C 138 -13.57 2.41 31.04
C PRO C 138 -14.54 3.21 31.90
N SER C 139 -13.95 4.05 32.75
CA SER C 139 -14.66 5.11 33.46
C SER C 139 -14.21 6.44 32.88
N VAL C 140 -15.17 7.32 32.57
CA VAL C 140 -14.88 8.58 31.90
C VAL C 140 -15.18 9.73 32.85
N PHE C 141 -14.19 10.60 33.07
CA PHE C 141 -14.34 11.75 33.94
C PHE C 141 -14.05 13.04 33.17
N PRO C 142 -14.70 14.14 33.56
CA PRO C 142 -14.51 15.38 32.80
C PRO C 142 -13.23 16.11 33.18
N LEU C 143 -12.59 16.71 32.18
CA LEU C 143 -11.46 17.61 32.38
C LEU C 143 -11.95 19.02 32.02
N ALA C 144 -12.64 19.64 32.96
CA ALA C 144 -13.24 20.95 32.71
C ALA C 144 -12.23 22.05 32.98
N PRO C 145 -12.12 23.03 32.08
CA PRO C 145 -11.13 24.10 32.31
C PRO C 145 -11.59 25.07 33.40
N SER C 146 -10.66 25.44 34.26
CA SER C 146 -10.91 26.47 35.26
C SER C 146 -10.62 27.84 34.66
N SER C 147 -11.16 28.88 35.33
CA SER C 147 -10.98 30.23 34.83
C SER C 147 -9.51 30.65 34.79
N LYS C 148 -8.64 29.93 35.50
CA LYS C 148 -7.21 30.19 35.42
C LYS C 148 -6.53 29.42 34.30
N SER C 149 -7.02 28.23 33.98
CA SER C 149 -6.39 27.39 32.97
C SER C 149 -6.80 27.77 31.55
N THR C 150 -7.40 28.93 31.35
CA THR C 150 -7.71 29.39 30.01
C THR C 150 -6.47 30.00 29.36
N SER C 151 -6.53 30.15 28.04
CA SER C 151 -5.45 30.75 27.27
C SER C 151 -6.06 31.77 26.31
N GLY C 152 -6.58 32.86 26.88
CA GLY C 152 -7.17 33.92 26.09
C GLY C 152 -8.57 33.59 25.61
N GLY C 153 -8.85 33.90 24.34
CA GLY C 153 -10.14 33.56 23.78
C GLY C 153 -10.36 32.07 23.58
N THR C 154 -9.34 31.25 23.82
CA THR C 154 -9.43 29.81 23.64
C THR C 154 -9.15 29.11 24.96
N ALA C 155 -9.61 27.86 25.05
CA ALA C 155 -9.42 27.07 26.25
C ALA C 155 -9.36 25.59 25.88
N ALA C 156 -8.60 24.84 26.68
CA ALA C 156 -8.46 23.40 26.50
C ALA C 156 -9.38 22.67 27.46
N LEU C 157 -10.22 21.79 26.92
CA LEU C 157 -11.08 20.93 27.72
C LEU C 157 -11.02 19.53 27.16
N GLY C 158 -11.30 18.54 28.02
CA GLY C 158 -11.11 17.17 27.61
C GLY C 158 -11.86 16.19 28.48
N CYS C 159 -11.55 14.91 28.26
CA CYS C 159 -12.11 13.79 29.00
C CYS C 159 -10.98 12.88 29.44
N LEU C 160 -11.11 12.31 30.63
CA LEU C 160 -10.16 11.36 31.18
C LEU C 160 -10.79 9.98 31.14
N VAL C 161 -10.17 9.06 30.41
CA VAL C 161 -10.68 7.70 30.23
C VAL C 161 -9.81 6.77 31.06
N LYS C 162 -10.36 6.30 32.19
CA LYS C 162 -9.57 5.62 33.21
C LYS C 162 -9.78 4.11 33.19
N ASP C 163 -8.70 3.37 33.47
CA ASP C 163 -8.76 1.98 33.86
C ASP C 163 -9.62 1.15 32.91
N TYR C 164 -9.10 0.87 31.74
CA TYR C 164 -9.74 -0.03 30.79
C TYR C 164 -8.72 -1.05 30.30
N PHE C 165 -9.24 -2.13 29.73
CA PHE C 165 -8.40 -3.19 29.20
C PHE C 165 -9.21 -4.07 28.27
N PRO C 166 -8.68 -4.48 27.11
CA PRO C 166 -7.38 -4.10 26.56
C PRO C 166 -7.47 -2.86 25.67
N GLU C 167 -6.36 -2.52 25.00
CA GLU C 167 -6.40 -1.47 24.00
C GLU C 167 -7.28 -1.89 22.83
N PRO C 168 -7.79 -0.93 22.05
CA PRO C 168 -7.65 0.51 22.20
C PRO C 168 -8.94 1.23 22.59
N VAL C 169 -8.84 2.52 22.82
CA VAL C 169 -10.00 3.40 23.02
C VAL C 169 -9.88 4.56 22.04
N THR C 170 -11.00 4.93 21.43
CA THR C 170 -11.07 6.09 20.55
C THR C 170 -12.06 7.09 21.12
N VAL C 171 -11.79 8.38 20.88
CA VAL C 171 -12.61 9.46 21.41
C VAL C 171 -12.87 10.47 20.31
N SER C 172 -14.12 10.87 20.15
CA SER C 172 -14.52 11.99 19.31
C SER C 172 -15.30 12.99 20.17
N TRP C 173 -15.73 14.09 19.55
CA TRP C 173 -16.41 15.15 20.27
C TRP C 173 -17.65 15.59 19.51
N ASN C 174 -18.74 15.76 20.25
CA ASN C 174 -20.04 16.13 19.68
C ASN C 174 -20.35 15.26 18.45
N SER C 175 -20.08 13.96 18.58
CA SER C 175 -20.37 12.99 17.52
C SER C 175 -19.60 13.29 16.24
N GLY C 176 -18.46 13.97 16.36
CA GLY C 176 -17.64 14.31 15.22
C GLY C 176 -17.84 15.72 14.70
N ALA C 177 -18.85 16.45 15.19
CA ALA C 177 -19.08 17.80 14.71
C ALA C 177 -17.99 18.76 15.18
N LEU C 178 -17.34 18.46 16.30
CA LEU C 178 -16.31 19.33 16.87
C LEU C 178 -14.94 18.69 16.66
N THR C 179 -14.11 19.35 15.86
CA THR C 179 -12.75 18.89 15.58
C THR C 179 -11.72 19.98 15.86
N SER C 180 -12.11 21.02 16.61
CA SER C 180 -11.23 22.15 16.87
C SER C 180 -10.05 21.69 17.72
N GLY C 181 -8.94 21.40 17.06
CA GLY C 181 -7.73 20.99 17.76
C GLY C 181 -7.93 19.76 18.63
N VAL C 182 -8.67 18.77 18.12
CA VAL C 182 -8.85 17.53 18.87
C VAL C 182 -7.56 16.73 18.83
N HIS C 183 -7.15 16.22 19.99
CA HIS C 183 -6.01 15.32 20.07
C HIS C 183 -6.31 14.26 21.13
N THR C 184 -6.36 13.01 20.73
CA THR C 184 -6.50 11.89 21.65
C THR C 184 -5.09 11.32 21.89
N PHE C 185 -4.66 11.35 23.14
CA PHE C 185 -3.29 11.00 23.49
C PHE C 185 -3.09 9.48 23.48
N PRO C 186 -1.84 9.03 23.35
CA PRO C 186 -1.56 7.62 23.57
C PRO C 186 -1.85 7.25 25.01
N ALA C 187 -2.22 5.98 25.22
CA ALA C 187 -2.58 5.52 26.54
C ALA C 187 -1.33 5.26 27.39
N VAL C 188 -1.51 5.32 28.70
CA VAL C 188 -0.49 4.91 29.66
C VAL C 188 -0.96 3.61 30.29
N LEU C 189 0.01 2.80 30.72
CA LEU C 189 -0.26 1.53 31.38
C LEU C 189 0.12 1.66 32.86
N GLN C 190 -0.88 1.62 33.73
CA GLN C 190 -0.63 1.68 35.16
C GLN C 190 -0.09 0.35 35.66
N SER C 191 0.40 0.34 36.90
CA SER C 191 0.91 -0.88 37.49
C SER C 191 -0.19 -1.90 37.74
N SER C 192 -1.45 -1.47 37.76
CA SER C 192 -2.58 -2.39 37.92
C SER C 192 -2.86 -3.19 36.66
N GLY C 193 -2.14 -2.95 35.57
CA GLY C 193 -2.43 -3.60 34.32
C GLY C 193 -3.53 -2.98 33.51
N LEU C 194 -4.07 -1.84 33.94
CA LEU C 194 -5.14 -1.15 33.26
C LEU C 194 -4.62 0.09 32.56
N TYR C 195 -5.26 0.43 31.45
CA TYR C 195 -4.86 1.55 30.60
C TYR C 195 -5.64 2.81 30.96
N SER C 196 -5.03 3.96 30.67
CA SER C 196 -5.67 5.26 30.84
C SER C 196 -5.19 6.18 29.73
N LEU C 197 -6.10 7.02 29.22
CA LEU C 197 -5.72 8.05 28.26
C LEU C 197 -6.62 9.26 28.46
N SER C 198 -6.29 10.33 27.74
CA SER C 198 -7.08 11.55 27.74
C SER C 198 -7.31 12.01 26.30
N SER C 199 -8.36 12.80 26.11
CA SER C 199 -8.64 13.45 24.84
C SER C 199 -8.96 14.91 25.12
N VAL C 200 -8.39 15.80 24.31
CA VAL C 200 -8.52 17.23 24.52
C VAL C 200 -9.05 17.89 23.26
N VAL C 201 -9.79 18.98 23.45
CA VAL C 201 -10.33 19.77 22.35
C VAL C 201 -10.19 21.24 22.71
N THR C 202 -9.99 22.06 21.69
CA THR C 202 -9.81 23.49 21.85
C THR C 202 -11.15 24.19 21.67
N VAL C 203 -11.50 25.06 22.62
CA VAL C 203 -12.88 25.55 22.74
C VAL C 203 -12.85 27.02 23.09
N PRO C 204 -13.83 27.78 22.57
CA PRO C 204 -13.87 29.22 22.89
C PRO C 204 -14.13 29.48 24.37
N SER C 205 -13.46 30.51 24.90
CA SER C 205 -13.58 30.87 26.31
C SER C 205 -14.80 31.74 26.60
N SER C 206 -15.47 32.26 25.58
CA SER C 206 -16.59 33.16 25.80
C SER C 206 -17.68 32.49 26.63
N SER C 207 -18.01 31.23 26.30
CA SER C 207 -19.19 30.57 26.84
C SER C 207 -18.84 29.40 27.77
N LEU C 208 -17.65 29.42 28.38
CA LEU C 208 -17.26 28.32 29.25
C LEU C 208 -18.13 28.21 30.49
N GLY C 209 -18.79 29.29 30.90
CA GLY C 209 -19.67 29.25 32.05
C GLY C 209 -21.04 28.67 31.79
N THR C 210 -21.40 28.45 30.53
CA THR C 210 -22.71 27.94 30.17
C THR C 210 -22.66 26.70 29.28
N GLN C 211 -21.69 26.62 28.38
CA GLN C 211 -21.71 25.62 27.33
C GLN C 211 -21.27 24.26 27.84
N THR C 212 -21.92 23.22 27.33
CA THR C 212 -21.57 21.84 27.59
C THR C 212 -21.06 21.18 26.31
N TYR C 213 -20.13 20.24 26.47
CA TYR C 213 -19.57 19.50 25.35
C TYR C 213 -19.58 18.00 25.67
N ILE C 214 -19.75 17.19 24.64
CA ILE C 214 -19.86 15.74 24.77
C ILE C 214 -18.63 15.11 24.12
N CYS C 215 -17.93 14.27 24.89
CA CYS C 215 -16.88 13.42 24.34
C CYS C 215 -17.43 12.02 24.19
N ASN C 216 -17.26 11.44 23.00
CA ASN C 216 -17.82 10.14 22.66
C ASN C 216 -16.71 9.10 22.78
N VAL C 217 -16.73 8.34 23.88
CA VAL C 217 -15.69 7.35 24.15
C VAL C 217 -16.17 6.01 23.63
N ASN C 218 -15.27 5.31 22.93
CA ASN C 218 -15.59 4.04 22.29
C ASN C 218 -14.54 3.02 22.71
N HIS C 219 -15.00 1.90 23.29
CA HIS C 219 -14.12 0.80 23.69
C HIS C 219 -14.72 -0.48 23.14
N LYS C 220 -14.35 -0.82 21.90
CA LYS C 220 -14.90 -2.01 21.25
C LYS C 220 -14.62 -3.29 22.01
N PRO C 221 -13.44 -3.51 22.58
CA PRO C 221 -13.18 -4.80 23.27
C PRO C 221 -14.18 -5.13 24.36
N SER C 222 -14.87 -4.15 24.93
CA SER C 222 -15.90 -4.39 25.93
C SER C 222 -17.30 -3.99 25.43
N ASN C 223 -17.43 -3.60 24.16
CA ASN C 223 -18.71 -3.24 23.58
C ASN C 223 -19.39 -2.11 24.37
N THR C 224 -18.61 -1.12 24.78
CA THR C 224 -19.11 0.01 25.53
C THR C 224 -18.87 1.31 24.78
N LYS C 225 -19.89 2.18 24.77
CA LYS C 225 -19.75 3.55 24.30
C LYS C 225 -20.26 4.47 25.41
N VAL C 226 -19.53 5.54 25.66
CA VAL C 226 -19.86 6.49 26.71
C VAL C 226 -19.86 7.89 26.13
N ASP C 227 -20.97 8.60 26.29
CA ASP C 227 -21.06 10.02 25.96
C ASP C 227 -21.01 10.79 27.27
N LYS C 228 -19.86 11.38 27.57
CA LYS C 228 -19.65 12.08 28.83
C LYS C 228 -19.79 13.58 28.60
N ARG C 229 -20.68 14.21 29.35
CA ARG C 229 -20.90 15.65 29.25
C ARG C 229 -19.86 16.39 30.07
N VAL C 230 -19.13 17.30 29.42
CA VAL C 230 -18.16 18.16 30.10
C VAL C 230 -18.80 19.53 30.24
N GLU C 231 -19.12 19.90 31.48
CA GLU C 231 -19.87 21.12 31.73
C GLU C 231 -19.03 22.10 32.54
N PRO C 232 -19.46 23.36 32.67
CA PRO C 232 -18.64 24.34 33.39
C PRO C 232 -18.29 23.88 34.79
N LYS C 233 -17.06 24.18 35.20
CA LYS C 233 -16.56 23.75 36.50
C LYS C 233 -17.34 24.41 37.64
C1 GOL D . 15.94 -8.73 -18.73
O1 GOL D . 16.29 -7.98 -17.60
C2 GOL D . 14.43 -8.63 -18.90
O2 GOL D . 14.06 -8.59 -20.25
C3 GOL D . 13.86 -9.86 -18.19
O3 GOL D . 12.46 -9.83 -18.37
H11 GOL D . 16.20 -9.66 -18.66
H12 GOL D . 16.38 -8.41 -19.54
HO1 GOL D . 15.63 -8.05 -17.06
H2 GOL D . 14.09 -7.81 -18.50
HO2 GOL D . 13.66 -9.32 -20.43
H31 GOL D . 14.12 -9.84 -17.26
H32 GOL D . 14.27 -10.65 -18.56
HO3 GOL D . 12.15 -10.47 -17.92
O1 2PE E . 10.56 8.29 20.44
C2 2PE E . 10.76 9.44 21.21
C3 2PE E . 10.87 10.65 20.28
O4 2PE E . 9.69 10.79 19.55
C5 2PE E . 9.49 12.08 19.03
C6 2PE E . 9.57 12.02 17.50
O7 2PE E . 10.91 11.87 17.10
C8 2PE E . 11.19 12.40 15.83
C9 2PE E . 10.59 11.49 14.75
O10 2PE E . 11.52 10.54 14.35
C11 2PE E . 11.42 10.22 13.00
C12 2PE E . 10.04 9.63 12.70
O13 2PE E . 9.71 8.66 13.67
C14 2PE E . 8.36 8.69 14.03
C15 2PE E . 7.83 7.27 14.30
O16 2PE E . 8.50 6.73 15.41
C17 2PE E . 7.78 6.82 16.60
C18 2PE E . 8.48 6.00 17.68
O19 2PE E . 8.87 4.76 17.14
C20 2PE E . 8.84 3.71 18.07
C21 2PE E . 9.73 2.57 17.60
O22 2PE E . 9.14 1.90 16.52
C23 2PE E . 9.73 2.14 15.28
C24 2PE E . 9.69 0.87 14.42
O25 2PE E . 10.28 1.15 13.18
C26 2PE E . 11.52 0.57 12.99
C27 2PE E . 12.37 1.51 12.11
O28 2PE E . 13.60 1.78 12.79
HO1 2PE E . 10.89 7.62 20.85
H21 2PE E . 10.00 9.57 21.81
H22 2PE E . 11.57 9.36 21.73
H31 2PE E . 11.03 11.45 20.80
H32 2PE E . 11.61 10.52 19.67
H51 2PE E . 10.17 12.68 19.37
H52 2PE E . 8.61 12.40 19.29
H61 2PE E . 9.05 11.26 17.18
H62 2PE E . 9.22 12.84 17.13
H81 2PE E . 12.14 12.44 15.71
H82 2PE E . 10.80 13.28 15.76
H91 2PE E . 9.81 11.05 15.12
H92 2PE E . 10.33 12.04 14.00
H111 2PE E . 12.10 9.56 12.77
H112 2PE E . 11.55 11.01 12.46
H121 2PE E . 9.38 10.34 12.73
H122 2PE E . 10.05 9.21 11.83
H141 2PE E . 7.84 9.08 13.31
H142 2PE E . 8.26 9.22 14.84
H151 2PE E . 8.00 6.72 13.52
H152 2PE E . 6.88 7.31 14.48
H171 2PE E . 7.72 7.75 16.88
H172 2PE E . 6.88 6.48 16.46
H181 2PE E . 7.89 5.86 18.42
H182 2PE E . 9.27 6.47 17.97
H201 2PE E . 7.92 3.39 18.17
H202 2PE E . 9.15 4.04 18.93
H211 2PE E . 9.87 1.94 18.33
H212 2PE E . 10.59 2.93 17.32
H231 2PE E . 10.66 2.41 15.41
H232 2PE E . 9.26 2.86 14.83
H241 2PE E . 8.76 0.60 14.29
H242 2PE E . 10.17 0.16 14.87
H261 2PE E . 11.42 -0.29 12.55
H262 2PE E . 11.95 0.45 13.85
H271 2PE E . 12.55 1.07 11.25
H272 2PE E . 11.89 2.34 11.95
HO2 2PE E . 14.06 2.31 12.32
O1 MES F . -25.21 6.05 23.37
C2 MES F . -25.80 6.84 22.36
C3 MES F . -24.77 7.56 21.49
N4 MES F . -23.50 6.85 21.51
C5 MES F . -22.92 6.59 22.84
C6 MES F . -24.02 6.63 23.88
C7 MES F . -22.47 7.27 20.53
C8 MES F . -22.60 8.74 20.12
S MES F . -21.88 9.00 18.62
O1S MES F . -22.61 10.08 17.92
O2S MES F . -20.47 9.43 18.80
O3S MES F . -21.92 7.78 17.79
H21 MES F . -26.45 7.59 22.82
H22 MES F . -26.42 6.20 21.72
H31 MES F . -24.62 8.58 21.86
H32 MES F . -25.13 7.63 20.46
HN4 MES F . -23.83 5.96 21.18
H51 MES F . -22.17 7.36 23.07
H52 MES F . -22.43 5.63 22.85
H61 MES F . -23.70 6.09 24.77
H62 MES F . -24.23 7.67 24.17
H71 MES F . -22.55 6.64 19.65
H72 MES F . -21.48 7.11 20.97
H81 MES F . -22.13 9.38 20.88
H82 MES F . -23.66 9.01 20.07
#